data_6JIO
#
_entry.id   6JIO
#
_cell.length_a   67.137
_cell.length_b   106.888
_cell.length_c   150.803
_cell.angle_alpha   90.00
_cell.angle_beta   90.00
_cell.angle_gamma   90.00
#
_symmetry.space_group_name_H-M   'P 21 21 21'
#
loop_
_entity.id
_entity.type
_entity.pdbx_description
1 polymer 'Oxysterols receptor LXR-beta'
2 non-polymer 'tert-butyl 7-amino-3,4-dihydroisoquinoline-2(1H)-carboxylate'
3 water water
#
_entity_poly.entity_id   1
_entity_poly.type   'polypeptide(L)'
_entity_poly.pdbx_seq_one_letter_code
;MGHHHHHHGEGVQLTAAQELMIQQLVAAQLQCNKRSFSDQPKVTPWPLGADPASGSASQQRFAHFTELAIISVQEIVDFA
KQVPGFLQLGREDQIALLKASTIEIMLLETARRYNHETECITFLKDFTYSKDDFHRAGLQVEFINPIFEFSRAMRRLGLD
DAEYALLIAINIFSADRPNVQEPGRVEALQQPYVEALLSYTRIKRPQDQLRFPRMLMKLVSLRTLSSVHSEQVFALRLQD
KKLPPLLSEIWDVHEGSGSGSHKILHRLLQDSSS
;
_entity_poly.pdbx_strand_id   A,B,C,D
#
loop_
_chem_comp.id
_chem_comp.type
_chem_comp.name
_chem_comp.formula
BQ3 non-polymer 'tert-butyl 7-amino-3,4-dihydroisoquinoline-2(1H)-carboxylate' 'C14 H20 N2 O2'
#
# COMPACT_ATOMS: atom_id res chain seq x y z
N VAL A 12 -26.60 34.45 -29.37
CA VAL A 12 -26.26 34.70 -30.81
C VAL A 12 -24.87 35.32 -30.98
N GLN A 13 -24.60 36.37 -30.19
CA GLN A 13 -23.27 36.99 -30.09
C GLN A 13 -22.83 37.02 -28.61
N LEU A 14 -21.58 37.43 -28.38
CA LEU A 14 -20.98 37.40 -27.03
C LEU A 14 -21.54 38.45 -26.05
N THR A 15 -21.53 38.09 -24.77
CA THR A 15 -21.89 38.97 -23.66
C THR A 15 -20.72 39.90 -23.36
N ALA A 16 -20.98 41.05 -22.74
CA ALA A 16 -19.93 41.97 -22.28
C ALA A 16 -19.04 41.32 -21.21
N ALA A 17 -19.69 40.71 -20.22
CA ALA A 17 -19.04 39.85 -19.22
C ALA A 17 -18.08 38.80 -19.79
N GLN A 18 -18.49 38.10 -20.86
CA GLN A 18 -17.65 37.08 -21.49
C GLN A 18 -16.47 37.73 -22.20
N GLU A 19 -16.74 38.77 -22.97
CA GLU A 19 -15.69 39.59 -23.62
C GLU A 19 -14.64 40.12 -22.63
N LEU A 20 -15.06 40.43 -21.40
CA LEU A 20 -14.15 40.84 -20.33
C LEU A 20 -13.30 39.66 -19.83
N MET A 21 -13.99 38.58 -19.45
CA MET A 21 -13.37 37.32 -18.98
C MET A 21 -12.26 36.82 -19.90
N ILE A 22 -12.56 36.78 -21.20
CA ILE A 22 -11.61 36.26 -22.21
C ILE A 22 -10.41 37.23 -22.31
N GLN A 23 -10.71 38.52 -22.48
CA GLN A 23 -9.68 39.59 -22.52
C GLN A 23 -8.62 39.54 -21.41
N GLN A 24 -9.08 39.42 -20.17
CA GLN A 24 -8.17 39.38 -19.01
C GLN A 24 -7.45 38.04 -18.83
N LEU A 25 -8.05 36.96 -19.32
CA LEU A 25 -7.38 35.65 -19.41
C LEU A 25 -6.19 35.67 -20.38
N VAL A 26 -6.37 36.27 -21.56
CA VAL A 26 -5.31 36.29 -22.58
C VAL A 26 -4.18 37.25 -22.17
N ALA A 27 -4.55 38.38 -21.57
CA ALA A 27 -3.59 39.32 -21.01
C ALA A 27 -2.76 38.72 -19.88
N ALA A 28 -3.37 37.82 -19.10
CA ALA A 28 -2.67 37.11 -18.03
C ALA A 28 -1.67 36.07 -18.59
N GLN A 29 -2.09 35.29 -19.59
CA GLN A 29 -1.19 34.31 -20.22
C GLN A 29 -0.06 34.96 -21.07
N LEU A 30 -0.21 36.24 -21.42
CA LEU A 30 0.89 37.03 -22.01
C LEU A 30 2.09 37.19 -21.07
N GLN A 31 1.83 37.33 -19.77
CA GLN A 31 2.88 37.54 -18.77
C GLN A 31 3.72 36.27 -18.60
N CYS A 32 3.08 35.11 -18.79
CA CYS A 32 3.79 33.83 -18.88
C CYS A 32 4.73 33.78 -20.08
N ASN A 33 5.83 33.03 -19.92
CA ASN A 33 6.79 32.76 -21.01
C ASN A 33 7.54 34.00 -21.55
N LYS A 34 7.76 34.99 -20.68
CA LYS A 34 8.49 36.21 -21.04
C LYS A 34 10.01 36.04 -20.98
N ARG A 35 10.49 35.22 -20.05
CA ARG A 35 11.92 34.92 -19.86
C ARG A 35 12.57 34.34 -21.12
N SER A 36 13.73 34.87 -21.50
CA SER A 36 14.48 34.42 -22.69
C SER A 36 15.87 33.87 -22.34
N PHE A 37 16.51 33.28 -23.35
CA PHE A 37 17.88 32.75 -23.24
C PHE A 37 18.91 33.85 -22.99
N SER A 38 18.76 34.96 -23.71
CA SER A 38 19.64 36.13 -23.55
C SER A 38 19.42 36.89 -22.24
N ASP A 39 18.17 37.01 -21.81
CA ASP A 39 17.79 37.95 -20.74
C ASP A 39 18.13 37.50 -19.32
N GLN A 40 18.44 38.48 -18.46
CA GLN A 40 18.33 38.34 -17.00
C GLN A 40 19.36 37.33 -16.43
N PRO A 41 19.00 36.60 -15.33
CA PRO A 41 19.89 35.50 -14.91
C PRO A 41 19.95 34.36 -15.92
N LYS A 42 20.98 33.52 -15.81
CA LYS A 42 21.19 32.39 -16.73
C LYS A 42 20.88 31.06 -16.04
N VAL A 43 20.44 30.09 -16.85
CA VAL A 43 20.05 28.77 -16.36
C VAL A 43 21.30 27.89 -16.48
N THR A 44 21.36 26.81 -15.69
CA THR A 44 22.41 25.79 -15.86
C THR A 44 22.48 25.47 -17.35
N PRO A 45 23.66 25.66 -17.98
CA PRO A 45 23.66 25.81 -19.42
C PRO A 45 23.52 24.50 -20.18
N TRP A 46 23.06 24.60 -21.42
CA TRP A 46 22.89 23.45 -22.30
C TRP A 46 24.23 23.10 -22.96
N PRO A 47 24.65 21.81 -22.89
CA PRO A 47 25.87 21.37 -23.56
C PRO A 47 25.65 21.08 -25.04
N SER A 56 26.88 12.22 -17.42
CA SER A 56 27.28 13.49 -16.82
C SER A 56 26.93 14.70 -17.69
N ALA A 57 27.12 14.57 -19.01
CA ALA A 57 26.61 15.53 -19.98
C ALA A 57 25.08 15.50 -20.02
N SER A 58 24.52 14.29 -19.98
CA SER A 58 23.07 14.07 -19.92
C SER A 58 22.44 14.62 -18.63
N GLN A 59 23.17 14.51 -17.52
CA GLN A 59 22.79 15.13 -16.24
C GLN A 59 22.68 16.65 -16.37
N GLN A 60 23.60 17.25 -17.11
CA GLN A 60 23.58 18.69 -17.37
C GLN A 60 22.30 19.12 -18.09
N ARG A 61 21.87 18.29 -19.05
CA ARG A 61 20.65 18.53 -19.83
C ARG A 61 19.39 18.35 -18.98
N PHE A 62 19.39 17.34 -18.12
CA PHE A 62 18.29 17.09 -17.18
C PHE A 62 18.11 18.26 -16.21
N ALA A 63 19.21 18.69 -15.59
CA ALA A 63 19.22 19.83 -14.66
C ALA A 63 18.75 21.11 -15.33
N HIS A 64 19.18 21.32 -16.58
CA HIS A 64 18.74 22.46 -17.39
C HIS A 64 17.21 22.47 -17.60
N PHE A 65 16.63 21.31 -17.90
CA PHE A 65 15.18 21.19 -18.08
C PHE A 65 14.40 21.43 -16.78
N THR A 66 14.90 20.89 -15.67
CA THR A 66 14.24 21.07 -14.37
C THR A 66 14.20 22.54 -13.97
N GLU A 67 15.30 23.26 -14.19
CA GLU A 67 15.35 24.70 -13.91
C GLU A 67 14.37 25.49 -14.78
N LEU A 68 14.23 25.11 -16.05
CA LEU A 68 13.23 25.71 -16.94
C LEU A 68 11.81 25.40 -16.48
N ALA A 69 11.59 24.15 -16.06
CA ALA A 69 10.27 23.72 -15.58
C ALA A 69 9.84 24.43 -14.29
N ILE A 70 10.76 24.58 -13.34
CA ILE A 70 10.50 25.31 -12.08
C ILE A 70 9.98 26.72 -12.35
N ILE A 71 10.62 27.43 -13.27
CA ILE A 71 10.23 28.79 -13.64
C ILE A 71 8.79 28.77 -14.18
N SER A 72 8.51 27.80 -15.04
CA SER A 72 7.17 27.63 -15.62
C SER A 72 6.09 27.36 -14.58
N VAL A 73 6.39 26.47 -13.62
CA VAL A 73 5.47 26.16 -12.52
C VAL A 73 5.08 27.43 -11.78
N GLN A 74 6.09 28.24 -11.45
CA GLN A 74 5.91 29.49 -10.69
C GLN A 74 5.06 30.53 -11.43
N GLU A 75 5.14 30.55 -12.75
CA GLU A 75 4.28 31.44 -13.57
C GLU A 75 2.86 30.92 -13.68
N ILE A 76 2.71 29.60 -13.76
CA ILE A 76 1.39 28.94 -13.81
C ILE A 76 0.61 29.16 -12.51
N VAL A 77 1.31 29.07 -11.38
CA VAL A 77 0.71 29.35 -10.06
C VAL A 77 0.23 30.81 -10.02
N ASP A 78 1.11 31.74 -10.36
CA ASP A 78 0.76 33.18 -10.45
C ASP A 78 -0.47 33.39 -11.32
N PHE A 79 -0.43 32.80 -12.52
CA PHE A 79 -1.54 32.88 -13.47
C PHE A 79 -2.85 32.38 -12.86
N ALA A 80 -2.79 31.19 -12.25
CA ALA A 80 -3.96 30.55 -11.66
C ALA A 80 -4.58 31.35 -10.52
N LYS A 81 -3.74 32.03 -9.74
CA LYS A 81 -4.23 32.90 -8.65
C LYS A 81 -5.03 34.11 -9.14
N GLN A 82 -4.70 34.64 -10.32
CA GLN A 82 -5.43 35.78 -10.89
C GLN A 82 -6.61 35.36 -11.80
N VAL A 83 -6.86 34.06 -11.93
CA VAL A 83 -8.09 33.57 -12.57
C VAL A 83 -9.25 33.83 -11.61
N PRO A 84 -10.38 34.39 -12.11
CA PRO A 84 -11.53 34.63 -11.23
C PRO A 84 -12.13 33.34 -10.65
N GLY A 85 -12.22 33.29 -9.31
CA GLY A 85 -12.82 32.16 -8.61
C GLY A 85 -11.85 31.11 -8.06
N PHE A 86 -10.57 31.20 -8.42
CA PHE A 86 -9.57 30.24 -7.95
C PHE A 86 -9.21 30.46 -6.48
N LEU A 87 -8.90 31.71 -6.13
CA LEU A 87 -8.60 32.08 -4.73
C LEU A 87 -9.80 31.94 -3.78
N GLN A 88 -11.00 31.88 -4.33
CA GLN A 88 -12.22 31.58 -3.56
C GLN A 88 -12.22 30.15 -3.00
N LEU A 89 -11.62 29.20 -3.71
CA LEU A 89 -11.56 27.81 -3.27
C LEU A 89 -10.63 27.63 -2.07
N GLY A 90 -10.82 26.54 -1.34
CA GLY A 90 -9.99 26.21 -0.18
C GLY A 90 -8.56 25.89 -0.60
N ARG A 91 -7.60 26.28 0.23
CA ARG A 91 -6.16 26.11 -0.06
C ARG A 91 -5.84 24.70 -0.56
N GLU A 92 -6.31 23.69 0.17
CA GLU A 92 -6.06 22.29 -0.19
C GLU A 92 -6.59 21.94 -1.59
N ASP A 93 -7.75 22.51 -1.95
CA ASP A 93 -8.32 22.34 -3.30
C ASP A 93 -7.50 23.04 -4.39
N GLN A 94 -6.95 24.21 -4.08
CA GLN A 94 -6.09 24.97 -5.01
C GLN A 94 -4.88 24.12 -5.39
N ILE A 95 -4.23 23.59 -4.36
CA ILE A 95 -3.10 22.67 -4.48
C ILE A 95 -3.41 21.40 -5.28
N ALA A 96 -4.60 20.83 -5.06
CA ALA A 96 -5.03 19.61 -5.75
C ALA A 96 -5.21 19.81 -7.26
N LEU A 97 -5.80 20.94 -7.64
CA LEU A 97 -6.00 21.29 -9.04
C LEU A 97 -4.68 21.65 -9.74
N LEU A 98 -3.83 22.41 -9.05
CA LEU A 98 -2.50 22.79 -9.57
C LEU A 98 -1.57 21.59 -9.72
N LYS A 99 -1.62 20.66 -8.77
CA LYS A 99 -0.78 19.45 -8.84
C LYS A 99 -1.08 18.62 -10.09
N ALA A 100 -2.36 18.53 -10.46
CA ALA A 100 -2.81 17.78 -11.62
C ALA A 100 -2.61 18.53 -12.93
N SER A 101 -3.04 19.79 -12.95
CA SER A 101 -3.15 20.57 -14.19
C SER A 101 -1.84 21.17 -14.70
N THR A 102 -0.90 21.44 -13.80
CA THR A 102 0.34 22.15 -14.17
C THR A 102 1.06 21.52 -15.37
N ILE A 103 1.33 20.21 -15.32
CA ILE A 103 1.91 19.48 -16.46
C ILE A 103 1.06 19.61 -17.73
N GLU A 104 -0.26 19.53 -17.59
CA GLU A 104 -1.17 19.63 -18.74
C GLU A 104 -1.18 21.04 -19.32
N ILE A 105 -1.12 22.05 -18.45
CA ILE A 105 -0.98 23.45 -18.89
C ILE A 105 0.36 23.66 -19.62
N MET A 106 1.41 23.01 -19.11
CA MET A 106 2.74 23.09 -19.72
C MET A 106 2.78 22.47 -21.12
N LEU A 107 2.08 21.35 -21.31
CA LEU A 107 2.01 20.68 -22.61
C LEU A 107 1.14 21.44 -23.61
N LEU A 108 0.10 22.12 -23.13
CA LEU A 108 -0.65 23.05 -23.97
C LEU A 108 0.21 24.20 -24.49
N GLU A 109 1.14 24.66 -23.67
CA GLU A 109 2.09 25.70 -24.07
C GLU A 109 3.16 25.23 -25.06
N THR A 110 3.62 23.99 -24.94
CA THR A 110 4.55 23.43 -25.91
C THR A 110 3.89 23.32 -27.29
N ALA A 111 2.67 22.79 -27.31
CA ALA A 111 1.90 22.65 -28.55
C ALA A 111 1.61 23.97 -29.23
N ARG A 112 1.27 24.98 -28.42
CA ARG A 112 1.03 26.35 -28.89
C ARG A 112 2.16 26.89 -29.78
N ARG A 113 3.39 26.76 -29.30
CA ARG A 113 4.57 27.33 -29.96
C ARG A 113 5.46 26.30 -30.63
N TYR A 114 4.89 25.13 -30.92
CA TYR A 114 5.55 24.15 -31.78
C TYR A 114 5.74 24.72 -33.18
N ASN A 115 6.89 24.40 -33.76
CA ASN A 115 7.24 24.83 -35.09
C ASN A 115 7.24 23.59 -35.98
N HIS A 116 6.27 23.54 -36.89
CA HIS A 116 6.14 22.43 -37.87
C HIS A 116 7.26 22.48 -38.94
N GLU A 117 7.86 23.66 -39.10
CA GLU A 117 9.03 23.86 -39.95
C GLU A 117 10.25 23.08 -39.46
N THR A 118 10.65 23.38 -38.22
CA THR A 118 11.88 22.86 -37.62
C THR A 118 11.68 21.60 -36.78
N GLU A 119 10.43 21.36 -36.36
CA GLU A 119 10.07 20.24 -35.47
C GLU A 119 10.80 20.36 -34.12
N CYS A 120 10.80 21.59 -33.60
CA CYS A 120 11.40 21.93 -32.32
C CYS A 120 10.33 22.50 -31.38
N ILE A 121 10.30 21.99 -30.14
CA ILE A 121 9.41 22.52 -29.09
C ILE A 121 10.13 23.66 -28.36
N THR A 122 9.36 24.71 -28.04
CA THR A 122 9.90 25.90 -27.36
C THR A 122 9.41 25.95 -25.92
N PHE A 123 10.34 26.14 -24.98
CA PHE A 123 10.03 26.42 -23.58
C PHE A 123 10.34 27.89 -23.27
N LEU A 124 9.53 28.49 -22.40
CA LEU A 124 9.65 29.92 -22.05
C LEU A 124 9.64 30.75 -23.35
N LYS A 125 10.50 31.76 -23.54
CA LYS A 125 10.45 32.60 -24.75
C LYS A 125 11.03 31.89 -25.98
N ASP A 126 12.30 31.52 -25.89
CA ASP A 126 13.07 31.06 -27.06
C ASP A 126 14.07 29.93 -26.76
N PHE A 127 13.76 29.10 -25.77
CA PHE A 127 14.58 27.91 -25.47
C PHE A 127 14.08 26.76 -26.36
N THR A 128 14.70 26.63 -27.52
CA THR A 128 14.22 25.76 -28.60
C THR A 128 14.97 24.42 -28.58
N TYR A 129 14.22 23.31 -28.50
CA TYR A 129 14.82 21.97 -28.45
C TYR A 129 14.15 21.00 -29.41
N SER A 130 14.97 20.18 -30.07
CA SER A 130 14.51 19.19 -31.03
C SER A 130 14.18 17.88 -30.32
N LYS A 131 13.69 16.92 -31.09
CA LYS A 131 13.37 15.58 -30.60
C LYS A 131 14.63 14.82 -30.12
N ASP A 132 15.76 15.07 -30.78
CA ASP A 132 17.06 14.45 -30.42
C ASP A 132 17.61 15.00 -29.09
N ASP A 133 17.35 16.28 -28.83
CA ASP A 133 17.78 16.93 -27.59
C ASP A 133 17.11 16.33 -26.33
N PHE A 134 15.83 15.98 -26.43
CA PHE A 134 15.12 15.26 -25.37
C PHE A 134 15.71 13.86 -25.18
N HIS A 135 15.91 13.16 -26.29
CA HIS A 135 16.55 11.84 -26.32
C HIS A 135 17.93 11.85 -25.66
N ARG A 136 18.73 12.89 -25.94
CA ARG A 136 20.06 13.06 -25.36
C ARG A 136 20.07 13.36 -23.86
N ALA A 137 18.96 13.89 -23.34
CA ALA A 137 18.77 14.12 -21.91
C ALA A 137 18.26 12.90 -21.12
N GLY A 138 18.19 11.73 -21.77
CA GLY A 138 17.80 10.49 -21.12
C GLY A 138 16.31 10.18 -21.14
N LEU A 139 15.52 11.00 -21.83
CA LEU A 139 14.07 10.82 -21.91
C LEU A 139 13.69 9.69 -22.86
N GLN A 140 12.71 8.89 -22.43
CA GLN A 140 12.28 7.69 -23.17
C GLN A 140 11.35 8.05 -24.33
N VAL A 141 11.29 7.16 -25.32
CA VAL A 141 10.51 7.35 -26.55
C VAL A 141 9.00 7.32 -26.27
N GLU A 142 8.62 6.59 -25.22
CA GLU A 142 7.22 6.47 -24.79
C GLU A 142 6.65 7.78 -24.27
N PHE A 143 7.52 8.70 -23.86
CA PHE A 143 7.16 10.07 -23.47
C PHE A 143 7.30 11.05 -24.63
N ILE A 144 8.43 11.00 -25.33
CA ILE A 144 8.76 11.99 -26.37
C ILE A 144 7.79 11.96 -27.56
N ASN A 145 7.57 10.78 -28.14
CA ASN A 145 6.70 10.66 -29.32
C ASN A 145 5.28 11.24 -29.10
N PRO A 146 4.59 10.86 -28.00
CA PRO A 146 3.29 11.48 -27.67
C PRO A 146 3.25 13.00 -27.58
N ILE A 147 4.33 13.61 -27.08
CA ILE A 147 4.39 15.08 -26.93
C ILE A 147 4.44 15.76 -28.28
N PHE A 148 5.33 15.28 -29.15
CA PHE A 148 5.47 15.83 -30.49
C PHE A 148 4.23 15.56 -31.36
N GLU A 149 3.59 14.42 -31.16
CA GLU A 149 2.32 14.11 -31.82
C GLU A 149 1.21 15.05 -31.35
N PHE A 150 1.18 15.32 -30.04
CA PHE A 150 0.19 16.24 -29.47
C PHE A 150 0.31 17.64 -30.07
N SER A 151 1.55 18.13 -30.16
CA SER A 151 1.84 19.42 -30.79
C SER A 151 1.36 19.48 -32.24
N ARG A 152 1.61 18.40 -33.00
CA ARG A 152 1.11 18.27 -34.37
C ARG A 152 -0.42 18.19 -34.41
N ALA A 153 -1.00 17.39 -33.50
CA ALA A 153 -2.46 17.24 -33.40
C ALA A 153 -3.17 18.56 -33.04
N MET A 154 -2.55 19.35 -32.17
CA MET A 154 -3.07 20.69 -31.83
C MET A 154 -2.97 21.67 -33.00
N ARG A 155 -1.91 21.56 -33.80
CA ARG A 155 -1.73 22.38 -34.99
C ARG A 155 -2.86 22.15 -36.00
N ARG A 156 -3.23 20.87 -36.19
CA ARG A 156 -4.33 20.48 -37.08
C ARG A 156 -5.66 21.15 -36.73
N LEU A 157 -5.92 21.34 -35.44
CA LEU A 157 -7.11 22.09 -34.98
C LEU A 157 -6.98 23.58 -35.30
N GLY A 158 -5.83 24.17 -34.98
CA GLY A 158 -5.57 25.58 -35.28
C GLY A 158 -6.25 26.54 -34.32
N LEU A 159 -5.85 26.49 -33.04
CA LEU A 159 -6.42 27.34 -31.99
C LEU A 159 -5.77 28.73 -31.98
N ASP A 160 -6.60 29.77 -31.89
CA ASP A 160 -6.10 31.14 -31.65
C ASP A 160 -5.78 31.34 -30.17
N ASP A 161 -5.27 32.54 -29.83
CA ASP A 161 -4.91 32.91 -28.45
C ASP A 161 -6.03 32.74 -27.43
N ALA A 162 -7.20 33.26 -27.76
CA ALA A 162 -8.38 33.22 -26.89
C ALA A 162 -8.84 31.80 -26.58
N GLU A 163 -8.72 30.93 -27.58
CA GLU A 163 -9.08 29.52 -27.46
C GLU A 163 -8.15 28.74 -26.53
N TYR A 164 -6.84 28.97 -26.66
CA TYR A 164 -5.85 28.41 -25.72
C TYR A 164 -6.06 28.90 -24.29
N ALA A 165 -6.39 30.18 -24.14
CA ALA A 165 -6.65 30.77 -22.82
C ALA A 165 -7.85 30.13 -22.15
N LEU A 166 -8.96 30.04 -22.90
CA LEU A 166 -10.18 29.40 -22.39
C LEU A 166 -10.00 27.92 -22.07
N LEU A 167 -9.24 27.20 -22.89
CA LEU A 167 -8.98 25.77 -22.68
C LEU A 167 -8.10 25.50 -21.46
N ILE A 168 -7.22 26.46 -21.13
CA ILE A 168 -6.40 26.39 -19.92
C ILE A 168 -7.25 26.58 -18.67
N ALA A 169 -8.14 27.58 -18.68
CA ALA A 169 -9.06 27.82 -17.57
C ALA A 169 -10.01 26.63 -17.35
N ILE A 170 -10.48 26.01 -18.43
CA ILE A 170 -11.30 24.79 -18.35
C ILE A 170 -10.51 23.64 -17.72
N ASN A 171 -9.24 23.52 -18.10
CA ASN A 171 -8.36 22.46 -17.58
C ASN A 171 -8.06 22.60 -16.09
N ILE A 172 -7.90 23.84 -15.62
CA ILE A 172 -7.65 24.13 -14.21
C ILE A 172 -8.81 23.67 -13.33
N PHE A 173 -10.04 23.94 -13.77
CA PHE A 173 -11.24 23.59 -13.01
C PHE A 173 -11.84 22.26 -13.48
N SER A 174 -11.05 21.21 -13.44
CA SER A 174 -11.57 19.86 -13.66
C SER A 174 -11.89 19.30 -12.29
N ALA A 175 -13.17 18.95 -12.09
CA ALA A 175 -13.62 18.39 -10.80
C ALA A 175 -13.18 16.93 -10.60
N ASP A 176 -12.75 16.28 -11.70
CA ASP A 176 -12.32 14.88 -11.69
C ASP A 176 -11.00 14.60 -10.93
N ARG A 177 -10.31 15.64 -10.44
CA ARG A 177 -8.93 15.48 -9.95
C ARG A 177 -8.82 14.71 -8.64
N PRO A 178 -7.63 14.14 -8.36
CA PRO A 178 -7.35 13.50 -7.07
C PRO A 178 -7.40 14.44 -5.88
N ASN A 179 -7.95 13.96 -4.77
CA ASN A 179 -7.98 14.67 -3.47
C ASN A 179 -8.71 16.02 -3.49
N VAL A 180 -9.72 16.14 -4.34
CA VAL A 180 -10.57 17.34 -4.40
C VAL A 180 -11.71 17.15 -3.41
N GLN A 181 -11.84 18.10 -2.49
CA GLN A 181 -12.83 18.03 -1.42
C GLN A 181 -14.19 18.64 -1.82
N GLU A 182 -14.18 19.67 -2.65
CA GLU A 182 -15.39 20.39 -3.06
C GLU A 182 -15.57 20.36 -4.60
N PRO A 183 -15.89 19.19 -5.17
CA PRO A 183 -15.92 19.03 -6.64
C PRO A 183 -17.00 19.85 -7.36
N GLY A 184 -18.19 19.95 -6.77
CA GLY A 184 -19.28 20.74 -7.34
C GLY A 184 -19.02 22.23 -7.41
N ARG A 185 -18.22 22.74 -6.48
CA ARG A 185 -17.83 24.15 -6.45
C ARG A 185 -16.72 24.43 -7.48
N VAL A 186 -15.92 23.41 -7.80
CA VAL A 186 -14.93 23.48 -8.89
C VAL A 186 -15.62 23.51 -10.25
N GLU A 187 -16.58 22.59 -10.45
CA GLU A 187 -17.37 22.53 -11.69
C GLU A 187 -18.29 23.75 -11.89
N ALA A 188 -18.69 24.38 -10.78
CA ALA A 188 -19.39 25.66 -10.82
C ALA A 188 -18.55 26.72 -11.53
N LEU A 189 -17.25 26.71 -11.23
CA LEU A 189 -16.29 27.63 -11.87
C LEU A 189 -15.95 27.27 -13.31
N GLN A 190 -16.01 25.97 -13.67
CA GLN A 190 -15.69 25.52 -15.04
C GLN A 190 -16.76 25.89 -16.07
N GLN A 191 -18.03 25.66 -15.72
CA GLN A 191 -19.18 25.88 -16.64
C GLN A 191 -19.17 27.20 -17.42
N PRO A 192 -18.95 28.34 -16.74
CA PRO A 192 -18.85 29.62 -17.47
C PRO A 192 -17.75 29.67 -18.56
N TYR A 193 -16.61 29.02 -18.31
CA TYR A 193 -15.54 28.95 -19.31
C TYR A 193 -15.86 28.04 -20.49
N VAL A 194 -16.66 27.00 -20.24
CA VAL A 194 -17.12 26.12 -21.32
C VAL A 194 -18.14 26.86 -22.20
N GLU A 195 -19.07 27.58 -21.55
CA GLU A 195 -20.07 28.41 -22.25
C GLU A 195 -19.43 29.48 -23.13
N ALA A 196 -18.41 30.15 -22.61
CA ALA A 196 -17.70 31.21 -23.32
C ALA A 196 -16.94 30.68 -24.52
N LEU A 197 -16.33 29.50 -24.37
CA LEU A 197 -15.63 28.84 -25.47
C LEU A 197 -16.60 28.36 -26.55
N LEU A 198 -17.74 27.81 -26.11
CA LEU A 198 -18.81 27.40 -27.03
C LEU A 198 -19.31 28.55 -27.89
N SER A 199 -19.57 29.71 -27.28
CA SER A 199 -20.01 30.91 -27.99
C SER A 199 -18.93 31.54 -28.85
N TYR A 200 -17.68 31.51 -28.35
CA TYR A 200 -16.54 32.08 -29.07
C TYR A 200 -16.27 31.36 -30.39
N THR A 201 -16.25 30.02 -30.32
CA THR A 201 -16.07 29.18 -31.51
C THR A 201 -17.22 29.35 -32.49
N ARG A 202 -18.44 29.45 -31.96
CA ARG A 202 -19.67 29.67 -32.74
C ARG A 202 -19.62 30.95 -33.57
N ILE A 203 -19.16 32.03 -32.94
CA ILE A 203 -19.00 33.33 -33.59
C ILE A 203 -17.83 33.33 -34.59
N LYS A 204 -16.67 32.82 -34.15
CA LYS A 204 -15.45 32.84 -34.96
C LYS A 204 -15.58 32.04 -36.26
N ARG A 205 -16.08 30.81 -36.15
CA ARG A 205 -16.27 29.94 -37.29
C ARG A 205 -17.66 29.28 -37.24
N PRO A 206 -18.71 30.02 -37.65
CA PRO A 206 -20.09 29.49 -37.63
C PRO A 206 -20.31 28.23 -38.46
N GLN A 207 -19.57 28.09 -39.56
CA GLN A 207 -19.71 26.94 -40.47
C GLN A 207 -19.08 25.65 -39.95
N ASP A 208 -18.16 25.74 -38.98
CA ASP A 208 -17.42 24.57 -38.46
C ASP A 208 -17.83 24.27 -37.01
N GLN A 209 -18.75 23.33 -36.84
CA GLN A 209 -19.31 22.96 -35.53
C GLN A 209 -18.52 21.88 -34.80
N LEU A 210 -17.81 21.04 -35.55
CA LEU A 210 -17.01 19.95 -34.97
C LEU A 210 -15.71 20.40 -34.30
N ARG A 211 -15.36 21.68 -34.44
CA ARG A 211 -14.13 22.22 -33.88
C ARG A 211 -14.15 22.29 -32.34
N PHE A 212 -15.26 22.78 -31.80
CA PHE A 212 -15.42 22.90 -30.34
C PHE A 212 -15.32 21.57 -29.57
N PRO A 213 -16.05 20.52 -30.00
CA PRO A 213 -15.89 19.20 -29.38
C PRO A 213 -14.44 18.67 -29.40
N ARG A 214 -13.78 18.86 -30.53
CA ARG A 214 -12.39 18.41 -30.68
C ARG A 214 -11.44 19.09 -29.70
N MET A 215 -11.68 20.36 -29.40
CA MET A 215 -10.90 21.08 -28.40
C MET A 215 -11.10 20.50 -27.01
N LEU A 216 -12.36 20.28 -26.62
CA LEU A 216 -12.68 19.63 -25.35
C LEU A 216 -12.02 18.26 -25.23
N MET A 217 -12.05 17.50 -26.33
CA MET A 217 -11.46 16.16 -26.35
C MET A 217 -9.94 16.13 -26.21
N LYS A 218 -9.25 17.26 -26.42
CA LYS A 218 -7.80 17.35 -26.14
C LYS A 218 -7.47 17.20 -24.65
N LEU A 219 -8.43 17.52 -23.79
CA LEU A 219 -8.30 17.27 -22.35
C LEU A 219 -8.18 15.76 -22.07
N VAL A 220 -8.79 14.94 -22.93
CA VAL A 220 -8.63 13.47 -22.88
C VAL A 220 -7.18 13.09 -23.19
N SER A 221 -6.61 13.69 -24.24
CA SER A 221 -5.22 13.48 -24.61
C SER A 221 -4.25 13.92 -23.51
N LEU A 222 -4.53 15.08 -22.90
CA LEU A 222 -3.71 15.62 -21.80
C LEU A 222 -3.64 14.74 -20.53
N ARG A 223 -4.64 13.89 -20.33
CA ARG A 223 -4.62 12.93 -19.21
C ARG A 223 -3.65 11.78 -19.45
N THR A 224 -3.64 11.25 -20.67
CA THR A 224 -2.68 10.21 -21.06
C THR A 224 -1.25 10.75 -20.98
N LEU A 225 -1.02 11.94 -21.53
CA LEU A 225 0.29 12.59 -21.46
C LEU A 225 0.77 12.78 -20.02
N SER A 226 -0.13 13.21 -19.14
CA SER A 226 0.18 13.35 -17.71
C SER A 226 0.60 12.03 -17.06
N SER A 227 -0.11 10.94 -17.37
CA SER A 227 0.21 9.63 -16.81
C SER A 227 1.55 9.10 -17.35
N VAL A 228 1.75 9.25 -18.65
CA VAL A 228 3.03 8.94 -19.31
C VAL A 228 4.17 9.83 -18.78
N HIS A 229 3.87 11.09 -18.50
CA HIS A 229 4.82 12.00 -17.87
C HIS A 229 5.23 11.51 -16.47
N SER A 230 4.25 11.05 -15.70
CA SER A 230 4.52 10.41 -14.39
C SER A 230 5.42 9.18 -14.52
N GLU A 231 5.20 8.37 -15.55
CA GLU A 231 6.06 7.23 -15.86
C GLU A 231 7.48 7.65 -16.23
N GLN A 232 7.60 8.74 -17.00
CA GLN A 232 8.90 9.30 -17.36
C GLN A 232 9.67 9.76 -16.12
N VAL A 233 9.00 10.53 -15.27
CA VAL A 233 9.58 10.97 -13.98
C VAL A 233 10.15 9.80 -13.16
N PHE A 234 9.45 8.67 -13.19
CA PHE A 234 9.85 7.46 -12.45
C PHE A 234 11.09 6.79 -13.02
N ALA A 235 11.12 6.61 -14.33
CA ALA A 235 12.26 6.00 -15.05
C ALA A 235 13.55 6.82 -14.93
N LEU A 236 13.43 8.13 -14.79
CA LEU A 236 14.59 9.02 -14.60
C LEU A 236 15.31 8.80 -13.28
N ARG A 237 14.59 8.39 -12.25
CA ARG A 237 15.20 8.05 -10.96
C ARG A 237 16.26 6.93 -11.06
N LEU A 238 16.05 6.01 -12.00
CA LEU A 238 16.98 4.89 -12.23
C LEU A 238 18.30 5.33 -12.91
N GLN A 239 18.29 6.50 -13.55
CA GLN A 239 19.51 7.13 -14.09
C GLN A 239 20.25 8.04 -13.09
N ASP A 240 19.82 8.03 -11.82
CA ASP A 240 20.32 8.97 -10.80
C ASP A 240 19.96 10.42 -11.13
N LYS A 241 18.77 10.62 -11.69
CA LYS A 241 18.25 11.94 -12.03
C LYS A 241 16.97 12.19 -11.23
N LYS A 242 17.15 12.77 -10.05
CA LYS A 242 16.07 13.02 -9.09
C LYS A 242 15.60 14.48 -9.22
N LEU A 243 14.27 14.69 -9.17
CA LEU A 243 13.69 16.02 -9.35
C LEU A 243 14.01 16.97 -8.19
N PRO A 244 14.10 18.29 -8.45
CA PRO A 244 14.18 19.30 -7.38
C PRO A 244 12.97 19.31 -6.44
N PRO A 245 13.09 20.00 -5.28
CA PRO A 245 12.01 20.05 -4.27
C PRO A 245 10.60 20.39 -4.79
N LEU A 246 10.44 21.53 -5.45
CA LEU A 246 9.12 21.98 -5.94
C LEU A 246 8.52 21.05 -7.00
N LEU A 247 9.35 20.54 -7.90
CA LEU A 247 8.87 19.59 -8.92
C LEU A 247 8.52 18.23 -8.31
N SER A 248 9.28 17.81 -7.30
CA SER A 248 8.99 16.58 -6.56
C SER A 248 7.64 16.63 -5.81
N GLU A 249 7.30 17.79 -5.28
CA GLU A 249 5.98 18.00 -4.63
C GLU A 249 4.79 17.66 -5.53
N ILE A 250 4.88 18.04 -6.81
CA ILE A 250 3.76 17.95 -7.75
C ILE A 250 3.76 16.68 -8.63
N TRP A 251 4.95 16.14 -8.94
CA TRP A 251 5.06 14.99 -9.85
C TRP A 251 5.59 13.66 -9.27
N ASP A 252 6.35 13.72 -8.17
CA ASP A 252 6.88 12.50 -7.55
C ASP A 252 5.83 11.79 -6.70
N VAL A 253 6.08 10.51 -6.42
CA VAL A 253 5.22 9.68 -5.57
C VAL A 253 5.89 9.43 -4.23
N HIS A 262 3.22 19.72 0.68
CA HIS A 262 3.45 20.67 -0.41
C HIS A 262 3.95 22.02 0.13
N LYS A 263 5.02 21.97 0.91
CA LYS A 263 5.54 23.15 1.65
C LYS A 263 5.83 24.38 0.78
N ILE A 264 6.49 24.18 -0.36
CA ILE A 264 6.85 25.28 -1.27
C ILE A 264 5.63 25.78 -2.05
N LEU A 265 4.79 24.86 -2.53
CA LEU A 265 3.57 25.21 -3.26
C LEU A 265 2.55 25.96 -2.38
N HIS A 266 2.45 25.57 -1.11
CA HIS A 266 1.71 26.36 -0.10
C HIS A 266 2.26 27.78 -0.01
N ARG A 267 3.58 27.89 0.09
CA ARG A 267 4.27 29.19 0.17
C ARG A 267 4.15 30.02 -1.11
N LEU A 268 4.08 29.35 -2.27
CA LEU A 268 3.85 30.05 -3.55
C LEU A 268 2.43 30.61 -3.67
N LEU A 269 1.45 29.94 -3.06
CA LEU A 269 0.06 30.39 -3.13
C LEU A 269 -0.27 31.62 -2.26
N GLN A 270 0.62 31.99 -1.32
CA GLN A 270 0.46 33.20 -0.50
C GLN A 270 1.40 34.32 -0.97
N ASP A 271 0.90 35.55 -1.01
CA ASP A 271 1.70 36.71 -1.42
C ASP A 271 1.05 38.02 -0.96
N VAL B 12 37.27 -16.24 28.48
CA VAL B 12 36.30 -15.29 27.84
C VAL B 12 36.96 -13.95 27.53
N GLN B 13 37.25 -13.72 26.24
CA GLN B 13 37.84 -12.47 25.76
C GLN B 13 37.30 -12.10 24.38
N LEU B 14 37.15 -10.81 24.12
CA LEU B 14 36.74 -10.32 22.80
C LEU B 14 37.91 -10.42 21.83
N THR B 15 37.61 -10.80 20.59
CA THR B 15 38.64 -10.89 19.55
C THR B 15 38.77 -9.49 18.95
N ALA B 16 39.89 -9.23 18.29
CA ALA B 16 40.13 -7.96 17.61
C ALA B 16 39.09 -7.67 16.51
N ALA B 17 38.61 -8.71 15.84
CA ALA B 17 37.60 -8.60 14.79
C ALA B 17 36.23 -8.19 15.34
N GLN B 18 35.84 -8.76 16.47
CA GLN B 18 34.55 -8.46 17.10
C GLN B 18 34.50 -7.03 17.64
N GLU B 19 35.62 -6.56 18.17
CA GLU B 19 35.76 -5.18 18.64
C GLU B 19 35.58 -4.20 17.48
N LEU B 20 36.05 -4.61 16.30
CA LEU B 20 35.92 -3.82 15.07
C LEU B 20 34.49 -3.73 14.55
N MET B 21 33.74 -4.83 14.56
CA MET B 21 32.35 -4.79 14.12
C MET B 21 31.54 -3.85 15.00
N ILE B 22 31.77 -3.93 16.32
CA ILE B 22 31.03 -3.14 17.31
C ILE B 22 31.21 -1.63 17.05
N GLN B 23 32.45 -1.19 16.95
CA GLN B 23 32.75 0.22 16.70
C GLN B 23 32.26 0.73 15.33
N GLN B 24 32.27 -0.15 14.32
CA GLN B 24 31.67 0.16 13.01
C GLN B 24 30.15 0.28 13.12
N LEU B 25 29.55 -0.63 13.90
CA LEU B 25 28.11 -0.64 14.19
C LEU B 25 27.68 0.61 14.97
N VAL B 26 28.48 1.00 15.97
CA VAL B 26 28.22 2.21 16.76
C VAL B 26 28.36 3.46 15.89
N ALA B 27 29.41 3.48 15.06
CA ALA B 27 29.66 4.59 14.13
C ALA B 27 28.56 4.73 13.07
N ALA B 28 27.99 3.61 12.64
CA ALA B 28 26.85 3.59 11.73
C ALA B 28 25.59 4.18 12.38
N GLN B 29 25.31 3.74 13.60
CA GLN B 29 24.21 4.30 14.42
C GLN B 29 24.35 5.80 14.71
N LEU B 30 25.59 6.31 14.78
CA LEU B 30 25.85 7.75 14.98
C LEU B 30 25.27 8.61 13.86
N GLN B 31 25.32 8.10 12.63
CA GLN B 31 24.73 8.78 11.46
C GLN B 31 23.19 8.75 11.46
N CYS B 32 22.57 7.84 12.22
CA CYS B 32 21.13 7.90 12.50
C CYS B 32 20.83 8.95 13.58
N ASN B 33 19.60 9.46 13.59
CA ASN B 33 19.06 10.32 14.67
C ASN B 33 19.89 11.58 14.96
N LYS B 34 20.23 12.28 13.88
CA LYS B 34 20.99 13.55 13.90
C LYS B 34 20.20 14.75 13.33
N ARG B 35 18.98 14.51 12.86
CA ARG B 35 18.19 15.56 12.24
C ARG B 35 17.45 16.41 13.26
N SER B 36 17.67 17.72 13.19
CA SER B 36 17.20 18.68 14.20
C SER B 36 15.95 19.44 13.75
N PHE B 37 15.25 20.02 14.73
CA PHE B 37 14.10 20.90 14.49
C PHE B 37 14.52 22.19 13.81
N SER B 38 15.68 22.71 14.20
CA SER B 38 16.30 23.84 13.51
C SER B 38 17.07 23.32 12.29
N ASP B 39 16.32 22.82 11.31
CA ASP B 39 16.88 22.27 10.08
C ASP B 39 16.42 23.15 8.93
N GLN B 40 17.33 23.41 7.99
CA GLN B 40 17.00 24.09 6.73
C GLN B 40 15.84 23.40 5.99
N PRO B 41 15.86 22.05 5.93
CA PRO B 41 14.67 21.32 5.55
C PRO B 41 13.79 21.14 6.79
N LYS B 42 12.47 21.31 6.63
CA LYS B 42 11.58 21.35 7.78
C LYS B 42 10.42 20.37 7.68
N VAL B 43 9.98 19.92 8.85
CA VAL B 43 8.83 19.03 8.98
C VAL B 43 7.61 19.96 9.03
N THR B 44 6.42 19.42 8.77
CA THR B 44 5.17 20.17 9.01
C THR B 44 5.02 20.40 10.52
N PRO B 45 5.14 21.67 10.98
CA PRO B 45 5.29 21.99 12.41
C PRO B 45 4.21 21.52 13.38
N TRP B 46 4.57 21.53 14.66
CA TRP B 46 3.71 21.17 15.78
C TRP B 46 3.03 22.45 16.27
N PRO B 47 1.68 22.48 16.28
CA PRO B 47 0.97 23.70 16.64
C PRO B 47 0.95 23.94 18.15
N LEU B 48 0.76 25.20 18.55
CA LEU B 48 0.66 25.57 19.96
C LEU B 48 -0.45 26.58 20.17
N GLN B 59 -4.92 17.56 14.32
CA GLN B 59 -4.79 16.97 12.99
C GLN B 59 -3.38 17.14 12.43
N GLN B 60 -2.84 18.37 12.50
CA GLN B 60 -1.43 18.65 12.18
C GLN B 60 -0.47 17.68 12.87
N ARG B 61 -0.82 17.27 14.08
CA ARG B 61 -0.03 16.35 14.90
C ARG B 61 0.16 14.97 14.25
N PHE B 62 -0.86 14.46 13.57
CA PHE B 62 -0.76 13.17 12.86
C PHE B 62 0.15 13.27 11.63
N ALA B 63 0.01 14.36 10.87
CA ALA B 63 0.88 14.64 9.73
C ALA B 63 2.33 14.84 10.18
N HIS B 64 2.50 15.63 11.24
CA HIS B 64 3.81 15.89 11.85
C HIS B 64 4.54 14.61 12.29
N PHE B 65 3.83 13.69 12.96
CA PHE B 65 4.41 12.42 13.41
C PHE B 65 4.81 11.49 12.26
N THR B 66 3.94 11.39 11.25
CA THR B 66 4.21 10.56 10.07
C THR B 66 5.43 11.02 9.29
N GLU B 67 5.66 12.34 9.24
CA GLU B 67 6.87 12.89 8.61
C GLU B 67 8.13 12.50 9.38
N LEU B 68 8.12 12.71 10.70
CA LEU B 68 9.20 12.27 11.57
C LEU B 68 9.48 10.78 11.42
N ALA B 69 8.42 9.98 11.36
CA ALA B 69 8.52 8.54 11.14
C ALA B 69 9.20 8.21 9.81
N ILE B 70 8.79 8.90 8.73
CA ILE B 70 9.38 8.69 7.39
C ILE B 70 10.90 8.91 7.38
N ILE B 71 11.36 10.03 7.93
CA ILE B 71 12.80 10.30 8.06
C ILE B 71 13.50 9.13 8.75
N SER B 72 12.91 8.63 9.83
CA SER B 72 13.51 7.57 10.64
C SER B 72 13.58 6.22 9.91
N VAL B 73 12.51 5.87 9.20
CA VAL B 73 12.48 4.64 8.40
C VAL B 73 13.63 4.68 7.39
N GLN B 74 13.72 5.79 6.65
CA GLN B 74 14.78 5.99 5.66
C GLN B 74 16.18 5.82 6.24
N GLU B 75 16.41 6.37 7.43
CA GLU B 75 17.67 6.21 8.15
C GLU B 75 17.92 4.76 8.59
N ILE B 76 16.87 4.10 9.08
CA ILE B 76 16.96 2.70 9.50
C ILE B 76 17.30 1.79 8.30
N VAL B 77 16.75 2.09 7.14
CA VAL B 77 17.02 1.32 5.91
C VAL B 77 18.51 1.47 5.53
N ASP B 78 19.00 2.72 5.49
CA ASP B 78 20.42 3.00 5.26
C ASP B 78 21.34 2.36 6.28
N PHE B 79 20.93 2.34 7.55
CA PHE B 79 21.66 1.62 8.59
C PHE B 79 21.73 0.14 8.24
N ALA B 80 20.56 -0.45 7.94
CA ALA B 80 20.46 -1.89 7.65
C ALA B 80 21.22 -2.29 6.39
N LYS B 81 21.17 -1.44 5.36
CA LYS B 81 21.96 -1.65 4.14
C LYS B 81 23.43 -1.92 4.45
N GLN B 82 24.05 -0.99 5.15
CA GLN B 82 25.48 -1.07 5.45
C GLN B 82 25.84 -2.02 6.59
N VAL B 83 24.86 -2.66 7.24
CA VAL B 83 25.15 -3.81 8.09
C VAL B 83 25.69 -4.92 7.18
N PRO B 84 26.89 -5.45 7.50
CA PRO B 84 27.46 -6.55 6.72
C PRO B 84 26.57 -7.78 6.64
N GLY B 85 26.28 -8.22 5.41
CA GLY B 85 25.44 -9.40 5.15
C GLY B 85 24.05 -9.08 4.64
N PHE B 86 23.54 -7.89 4.92
CA PHE B 86 22.13 -7.56 4.68
C PHE B 86 21.74 -7.52 3.21
N LEU B 87 22.56 -6.87 2.40
CA LEU B 87 22.32 -6.78 0.95
C LEU B 87 22.54 -8.10 0.20
N GLN B 88 23.23 -9.06 0.82
CA GLN B 88 23.50 -10.36 0.20
C GLN B 88 22.28 -11.30 0.31
N LEU B 89 21.34 -10.99 1.22
CA LEU B 89 20.09 -11.75 1.34
C LEU B 89 19.17 -11.52 0.15
N GLY B 90 18.15 -12.37 0.04
CA GLY B 90 17.11 -12.20 -0.98
C GLY B 90 16.30 -10.96 -0.70
N ARG B 91 15.91 -10.26 -1.77
CA ARG B 91 15.20 -8.97 -1.64
C ARG B 91 13.84 -9.08 -0.94
N GLU B 92 13.20 -10.26 -1.06
CA GLU B 92 11.97 -10.55 -0.31
C GLU B 92 12.22 -10.63 1.20
N ASP B 93 13.37 -11.16 1.61
CA ASP B 93 13.76 -11.22 3.03
C ASP B 93 14.22 -9.88 3.59
N GLN B 94 14.91 -9.08 2.78
CA GLN B 94 15.36 -7.74 3.19
C GLN B 94 14.18 -6.88 3.64
N ILE B 95 13.15 -6.81 2.80
CA ILE B 95 11.93 -6.07 3.14
C ILE B 95 11.12 -6.70 4.28
N ALA B 96 11.14 -8.03 4.37
CA ALA B 96 10.45 -8.76 5.44
C ALA B 96 11.05 -8.47 6.82
N LEU B 97 12.38 -8.39 6.88
CA LEU B 97 13.08 -8.07 8.13
C LEU B 97 12.92 -6.59 8.50
N LEU B 98 13.03 -5.71 7.51
CA LEU B 98 12.81 -4.27 7.72
C LEU B 98 11.36 -3.90 8.04
N LYS B 99 10.40 -4.61 7.48
CA LYS B 99 8.97 -4.39 7.77
C LYS B 99 8.71 -4.49 9.26
N ALA B 100 9.08 -5.62 9.82
CA ALA B 100 8.78 -5.94 11.21
C ALA B 100 9.63 -5.18 12.22
N SER B 101 10.93 -5.04 11.93
CA SER B 101 11.89 -4.48 12.88
C SER B 101 11.97 -2.95 12.92
N THR B 102 11.39 -2.27 11.93
CA THR B 102 11.46 -0.80 11.83
C THR B 102 10.83 -0.11 13.04
N ILE B 103 9.58 -0.48 13.35
CA ILE B 103 8.90 0.05 14.53
C ILE B 103 9.62 -0.32 15.83
N GLU B 104 10.14 -1.54 15.90
CA GLU B 104 10.83 -2.02 17.11
C GLU B 104 12.12 -1.23 17.35
N ILE B 105 12.82 -0.90 16.26
CA ILE B 105 14.02 -0.04 16.31
C ILE B 105 13.66 1.39 16.73
N MET B 106 12.57 1.93 16.19
CA MET B 106 12.06 3.25 16.62
C MET B 106 11.82 3.28 18.13
N LEU B 107 11.16 2.24 18.64
CA LEU B 107 10.88 2.13 20.07
C LEU B 107 12.15 2.00 20.94
N LEU B 108 13.18 1.33 20.41
CA LEU B 108 14.49 1.25 21.09
C LEU B 108 15.17 2.62 21.21
N GLU B 109 15.10 3.44 20.16
CA GLU B 109 15.68 4.79 20.14
C GLU B 109 14.84 5.80 20.92
N THR B 110 13.52 5.63 20.86
CA THR B 110 12.56 6.30 21.76
C THR B 110 12.94 6.10 23.24
N ALA B 111 13.14 4.84 23.61
CA ALA B 111 13.55 4.48 24.97
C ALA B 111 14.94 5.00 25.35
N ARG B 112 15.86 5.01 24.38
CA ARG B 112 17.26 5.39 24.58
C ARG B 112 17.46 6.77 25.21
N ARG B 113 16.69 7.76 24.72
CA ARG B 113 16.74 9.12 25.26
C ARG B 113 15.41 9.52 25.91
N TYR B 114 14.82 8.59 26.65
CA TYR B 114 13.66 8.89 27.47
C TYR B 114 14.11 9.67 28.69
N ASN B 115 13.50 10.83 28.91
CA ASN B 115 13.81 11.69 30.05
C ASN B 115 12.92 11.30 31.22
N HIS B 116 13.53 10.79 32.29
CA HIS B 116 12.80 10.35 33.48
C HIS B 116 12.16 11.49 34.29
N GLU B 117 12.74 12.70 34.18
CA GLU B 117 12.23 13.87 34.90
C GLU B 117 10.98 14.44 34.21
N THR B 118 11.11 14.88 32.97
CA THR B 118 10.01 15.49 32.21
C THR B 118 8.97 14.49 31.70
N GLU B 119 9.36 13.22 31.59
CA GLU B 119 8.52 12.13 31.04
C GLU B 119 8.15 12.36 29.57
N CYS B 120 9.14 12.78 28.79
CA CYS B 120 8.97 13.02 27.35
C CYS B 120 9.80 12.04 26.53
N ILE B 121 9.33 11.78 25.31
CA ILE B 121 10.01 10.91 24.34
C ILE B 121 10.60 11.80 23.23
N THR B 122 11.88 11.60 22.94
CA THR B 122 12.59 12.38 21.91
C THR B 122 12.67 11.60 20.59
N PHE B 123 12.29 12.24 19.49
CA PHE B 123 12.50 11.72 18.13
C PHE B 123 13.61 12.48 17.43
N LEU B 124 14.32 11.79 16.53
CA LEU B 124 15.42 12.38 15.74
C LEU B 124 16.43 13.08 16.67
N LYS B 125 16.76 14.36 16.46
CA LYS B 125 17.72 15.06 17.34
C LYS B 125 17.04 15.61 18.60
N ASP B 126 16.03 16.46 18.42
CA ASP B 126 15.45 17.23 19.54
C ASP B 126 13.93 17.52 19.42
N PHE B 127 13.16 16.58 18.89
CA PHE B 127 11.69 16.67 18.91
C PHE B 127 11.15 15.89 20.10
N THR B 128 10.96 16.58 21.22
CA THR B 128 10.51 15.97 22.48
C THR B 128 8.99 16.11 22.67
N TYR B 129 8.33 15.00 23.01
CA TYR B 129 6.86 14.98 23.19
C TYR B 129 6.45 14.21 24.43
N SER B 130 5.60 14.84 25.25
CA SER B 130 5.06 14.21 26.46
C SER B 130 3.99 13.18 26.13
N LYS B 131 3.56 12.45 27.14
CA LYS B 131 2.48 11.45 26.99
C LYS B 131 1.17 12.09 26.52
N ASP B 132 0.90 13.30 27.00
CA ASP B 132 -0.31 14.06 26.61
C ASP B 132 -0.28 14.48 25.14
N ASP B 133 0.91 14.77 24.60
CA ASP B 133 1.06 15.11 23.17
C ASP B 133 0.60 14.00 22.23
N PHE B 134 0.73 12.74 22.68
CA PHE B 134 0.24 11.59 21.93
C PHE B 134 -1.29 11.46 21.99
N HIS B 135 -1.91 11.74 23.15
CA HIS B 135 -3.38 11.79 23.27
C HIS B 135 -4.00 12.66 22.17
N ARG B 136 -3.41 13.84 21.98
CA ARG B 136 -3.95 14.87 21.10
C ARG B 136 -3.82 14.55 19.62
N ALA B 137 -2.86 13.69 19.27
CA ALA B 137 -2.72 13.19 17.91
C ALA B 137 -3.77 12.14 17.51
N GLY B 138 -4.62 11.74 18.45
CA GLY B 138 -5.65 10.73 18.21
C GLY B 138 -5.14 9.32 18.44
N LEU B 139 -4.07 9.19 19.23
CA LEU B 139 -3.50 7.88 19.56
C LEU B 139 -4.12 7.33 20.85
N GLN B 140 -4.20 6.00 20.92
CA GLN B 140 -4.88 5.30 22.00
C GLN B 140 -4.05 5.21 23.27
N VAL B 141 -4.74 4.95 24.38
CA VAL B 141 -4.12 4.74 25.69
C VAL B 141 -3.41 3.37 25.71
N GLU B 142 -4.11 2.35 25.23
CA GLU B 142 -3.55 0.98 25.10
C GLU B 142 -2.28 0.88 24.23
N PHE B 143 -2.06 1.89 23.38
CA PHE B 143 -0.80 2.05 22.62
C PHE B 143 0.22 2.92 23.38
N ILE B 144 -0.24 4.09 23.85
CA ILE B 144 0.63 5.07 24.52
C ILE B 144 1.27 4.55 25.81
N ASN B 145 0.47 3.91 26.66
CA ASN B 145 0.96 3.50 28.00
C ASN B 145 2.08 2.44 27.94
N PRO B 146 1.91 1.35 27.17
CA PRO B 146 3.02 0.38 27.03
C PRO B 146 4.29 0.91 26.36
N ILE B 147 4.17 1.90 25.48
CA ILE B 147 5.33 2.60 24.88
C ILE B 147 6.13 3.33 25.93
N PHE B 148 5.44 4.21 26.65
CA PHE B 148 6.06 4.96 27.74
C PHE B 148 6.55 4.04 28.86
N GLU B 149 5.79 2.99 29.14
CA GLU B 149 6.20 1.96 30.10
C GLU B 149 7.49 1.27 29.69
N PHE B 150 7.57 0.88 28.42
CA PHE B 150 8.77 0.23 27.85
C PHE B 150 10.00 1.12 27.95
N SER B 151 9.82 2.41 27.67
CA SER B 151 10.92 3.38 27.71
C SER B 151 11.51 3.59 29.11
N ARG B 152 10.65 3.60 30.15
CA ARG B 152 11.10 3.64 31.55
C ARG B 152 11.89 2.38 31.89
N ALA B 153 11.30 1.23 31.55
CA ALA B 153 11.90 -0.07 31.85
C ALA B 153 13.25 -0.26 31.12
N MET B 154 13.33 0.22 29.88
CA MET B 154 14.58 0.20 29.12
C MET B 154 15.67 1.08 29.74
N ARG B 155 15.28 2.24 30.26
CA ARG B 155 16.24 3.15 30.90
C ARG B 155 16.83 2.61 32.19
N ARG B 156 16.00 1.99 33.03
CA ARG B 156 16.47 1.30 34.23
C ARG B 156 17.61 0.31 33.92
N LEU B 157 17.58 -0.25 32.72
CA LEU B 157 18.61 -1.20 32.25
C LEU B 157 19.97 -0.55 31.94
N GLY B 158 19.99 0.74 31.64
CA GLY B 158 21.24 1.51 31.50
C GLY B 158 22.21 0.98 30.47
N LEU B 159 21.70 0.72 29.27
CA LEU B 159 22.53 0.19 28.18
C LEU B 159 23.47 1.26 27.64
N ASP B 160 24.69 0.86 27.31
CA ASP B 160 25.65 1.77 26.67
C ASP B 160 25.46 1.80 25.15
N ASP B 161 26.30 2.57 24.46
CA ASP B 161 26.25 2.67 22.98
C ASP B 161 26.37 1.33 22.25
N ALA B 162 27.34 0.51 22.67
CA ALA B 162 27.58 -0.80 22.05
C ALA B 162 26.40 -1.77 22.26
N GLU B 163 25.83 -1.78 23.46
CA GLU B 163 24.71 -2.66 23.78
C GLU B 163 23.49 -2.35 22.91
N TYR B 164 23.12 -1.08 22.81
CA TYR B 164 22.01 -0.64 21.94
C TYR B 164 22.25 -1.02 20.48
N ALA B 165 23.45 -0.74 20.00
CA ALA B 165 23.85 -1.04 18.64
C ALA B 165 23.77 -2.53 18.35
N LEU B 166 24.41 -3.34 19.18
CA LEU B 166 24.35 -4.81 19.03
C LEU B 166 22.93 -5.34 19.09
N LEU B 167 22.14 -4.83 20.03
CA LEU B 167 20.74 -5.25 20.22
C LEU B 167 19.86 -4.94 19.00
N ILE B 168 20.12 -3.80 18.36
CA ILE B 168 19.47 -3.43 17.11
C ILE B 168 19.83 -4.41 15.98
N ALA B 169 21.09 -4.79 15.87
CA ALA B 169 21.52 -5.78 14.88
C ALA B 169 20.90 -7.16 15.13
N ILE B 170 20.77 -7.55 16.40
CA ILE B 170 20.10 -8.80 16.77
C ILE B 170 18.60 -8.73 16.44
N ASN B 171 18.02 -7.54 16.58
CA ASN B 171 16.62 -7.29 16.25
C ASN B 171 16.31 -7.35 14.74
N ILE B 172 17.24 -6.89 13.90
CA ILE B 172 17.06 -6.91 12.44
C ILE B 172 17.10 -8.35 11.92
N PHE B 173 18.08 -9.12 12.39
CA PHE B 173 18.28 -10.49 11.93
C PHE B 173 17.53 -11.51 12.76
N SER B 174 16.22 -11.42 12.74
CA SER B 174 15.37 -12.37 13.45
C SER B 174 14.79 -13.32 12.42
N ALA B 175 15.10 -14.61 12.55
CA ALA B 175 14.64 -15.64 11.61
C ALA B 175 13.12 -15.87 11.70
N ASP B 176 12.55 -15.56 12.86
CA ASP B 176 11.12 -15.78 13.15
C ASP B 176 10.17 -14.67 12.68
N ARG B 177 10.66 -13.72 11.88
CA ARG B 177 9.76 -12.72 11.28
C ARG B 177 8.87 -13.41 10.25
N PRO B 178 7.61 -12.95 10.11
CA PRO B 178 6.75 -13.55 9.09
C PRO B 178 7.26 -13.39 7.65
N ASN B 179 7.00 -14.41 6.82
CA ASN B 179 7.32 -14.40 5.38
C ASN B 179 8.82 -14.31 5.06
N VAL B 180 9.65 -14.94 5.90
CA VAL B 180 11.09 -15.05 5.66
C VAL B 180 11.35 -16.34 4.91
N GLN B 181 11.79 -16.23 3.65
CA GLN B 181 12.09 -17.40 2.82
C GLN B 181 13.31 -18.20 3.29
N GLU B 182 14.35 -17.51 3.74
CA GLU B 182 15.63 -18.14 4.10
C GLU B 182 15.99 -17.86 5.58
N PRO B 183 15.27 -18.50 6.53
CA PRO B 183 15.52 -18.25 7.96
C PRO B 183 16.92 -18.64 8.43
N GLY B 184 17.44 -19.77 7.92
CA GLY B 184 18.80 -20.22 8.24
C GLY B 184 19.89 -19.20 7.96
N ARG B 185 19.75 -18.47 6.84
CA ARG B 185 20.68 -17.40 6.49
C ARG B 185 20.58 -16.19 7.40
N VAL B 186 19.35 -15.89 7.84
CA VAL B 186 19.09 -14.80 8.79
C VAL B 186 19.62 -15.17 10.18
N GLU B 187 19.45 -16.42 10.58
CA GLU B 187 20.00 -16.92 11.85
C GLU B 187 21.53 -16.97 11.85
N ALA B 188 22.13 -17.24 10.68
CA ALA B 188 23.59 -17.24 10.52
C ALA B 188 24.19 -15.84 10.64
N LEU B 189 23.50 -14.82 10.12
CA LEU B 189 23.92 -13.43 10.30
C LEU B 189 23.69 -12.91 11.72
N GLN B 190 22.76 -13.51 12.45
CA GLN B 190 22.45 -13.07 13.81
C GLN B 190 23.50 -13.52 14.83
N GLN B 191 23.93 -14.79 14.77
CA GLN B 191 24.73 -15.38 15.86
C GLN B 191 26.07 -14.69 16.19
N PRO B 192 26.76 -14.09 15.20
CA PRO B 192 27.98 -13.34 15.56
C PRO B 192 27.70 -12.15 16.50
N TYR B 193 26.56 -11.49 16.28
CA TYR B 193 26.13 -10.37 17.12
C TYR B 193 25.67 -10.83 18.51
N VAL B 194 25.12 -12.04 18.58
CA VAL B 194 24.72 -12.63 19.85
C VAL B 194 25.96 -13.09 20.63
N GLU B 195 26.91 -13.71 19.92
CA GLU B 195 28.22 -14.10 20.48
C GLU B 195 28.96 -12.91 21.08
N ALA B 196 28.97 -11.80 20.35
CA ALA B 196 29.67 -10.58 20.76
C ALA B 196 29.01 -9.86 21.92
N LEU B 197 27.67 -9.75 21.88
CA LEU B 197 26.93 -9.11 22.96
C LEU B 197 27.06 -9.88 24.27
N LEU B 198 26.99 -11.20 24.15
CA LEU B 198 27.23 -12.11 25.27
C LEU B 198 28.61 -11.86 25.88
N SER B 199 29.64 -11.90 25.03
CA SER B 199 31.03 -11.66 25.46
C SER B 199 31.29 -10.22 25.94
N TYR B 200 30.65 -9.23 25.31
CA TYR B 200 30.79 -7.83 25.72
C TYR B 200 30.28 -7.59 27.13
N THR B 201 29.07 -8.08 27.41
CA THR B 201 28.46 -7.99 28.74
C THR B 201 29.24 -8.78 29.80
N ARG B 202 29.82 -9.90 29.40
CA ARG B 202 30.70 -10.71 30.25
C ARG B 202 31.90 -9.89 30.71
N ILE B 203 32.51 -9.18 29.76
CA ILE B 203 33.70 -8.36 30.01
C ILE B 203 33.35 -7.07 30.75
N LYS B 204 32.23 -6.44 30.39
CA LYS B 204 31.84 -5.15 30.95
C LYS B 204 31.39 -5.23 32.40
N ARG B 205 30.49 -6.18 32.68
CA ARG B 205 29.92 -6.37 34.01
C ARG B 205 30.05 -7.85 34.42
N PRO B 206 31.25 -8.27 34.88
CA PRO B 206 31.46 -9.63 35.39
C PRO B 206 30.56 -10.00 36.57
N GLN B 207 30.35 -9.02 37.46
CA GLN B 207 29.43 -9.16 38.58
C GLN B 207 28.02 -9.55 38.12
N ASP B 208 27.50 -8.81 37.15
CA ASP B 208 26.10 -8.91 36.76
C ASP B 208 25.91 -9.91 35.62
N GLN B 209 25.93 -11.20 35.97
CA GLN B 209 25.66 -12.27 34.98
C GLN B 209 24.29 -12.19 34.29
N LEU B 210 23.37 -11.39 34.84
CA LEU B 210 21.96 -11.47 34.49
C LEU B 210 21.46 -10.35 33.57
N ARG B 211 22.29 -9.37 33.25
CA ARG B 211 21.88 -8.29 32.36
C ARG B 211 21.67 -8.76 30.92
N PHE B 212 22.51 -9.68 30.47
CA PHE B 212 22.40 -10.22 29.12
C PHE B 212 21.03 -10.88 28.85
N PRO B 213 20.56 -11.76 29.77
CA PRO B 213 19.17 -12.25 29.65
C PRO B 213 18.14 -11.13 29.60
N ARG B 214 18.23 -10.18 30.53
CA ARG B 214 17.28 -9.06 30.62
C ARG B 214 17.19 -8.23 29.35
N MET B 215 18.31 -8.05 28.67
CA MET B 215 18.35 -7.34 27.39
C MET B 215 17.63 -8.11 26.28
N LEU B 216 17.88 -9.42 26.20
CA LEU B 216 17.21 -10.29 25.23
C LEU B 216 15.71 -10.43 25.50
N MET B 217 15.30 -10.24 26.76
CA MET B 217 13.89 -10.26 27.12
C MET B 217 13.15 -8.97 26.73
N LYS B 218 13.89 -7.90 26.43
CA LYS B 218 13.30 -6.71 25.82
C LYS B 218 12.95 -6.92 24.34
N LEU B 219 13.58 -7.90 23.68
CA LEU B 219 13.15 -8.33 22.34
C LEU B 219 11.76 -8.97 22.36
N VAL B 220 11.40 -9.67 23.45
CA VAL B 220 10.06 -10.29 23.56
C VAL B 220 9.02 -9.18 23.73
N SER B 221 9.34 -8.18 24.55
CA SER B 221 8.47 -7.02 24.76
C SER B 221 8.27 -6.23 23.48
N LEU B 222 9.33 -6.08 22.69
CA LEU B 222 9.22 -5.39 21.39
C LEU B 222 8.27 -6.08 20.40
N ARG B 223 8.16 -7.41 20.45
CA ARG B 223 7.18 -8.12 19.61
C ARG B 223 5.76 -7.73 19.93
N THR B 224 5.43 -7.79 21.21
CA THR B 224 4.12 -7.39 21.71
C THR B 224 3.80 -5.95 21.32
N LEU B 225 4.76 -5.05 21.53
CA LEU B 225 4.60 -3.65 21.16
C LEU B 225 4.36 -3.50 19.65
N SER B 226 5.05 -4.32 18.85
CA SER B 226 4.86 -4.36 17.40
C SER B 226 3.39 -4.64 17.00
N SER B 227 2.79 -5.62 17.67
CA SER B 227 1.38 -5.98 17.43
C SER B 227 0.40 -4.89 17.91
N VAL B 228 0.71 -4.30 19.06
CA VAL B 228 -0.07 -3.18 19.61
C VAL B 228 0.00 -1.96 18.67
N HIS B 229 1.14 -1.77 18.02
CA HIS B 229 1.31 -0.71 17.02
C HIS B 229 0.43 -0.94 15.78
N SER B 230 0.34 -2.19 15.34
CA SER B 230 -0.52 -2.52 14.19
C SER B 230 -2.00 -2.25 14.45
N GLU B 231 -2.45 -2.47 15.69
CA GLU B 231 -3.82 -2.14 16.11
C GLU B 231 -4.07 -0.63 16.15
N GLN B 232 -3.05 0.12 16.54
CA GLN B 232 -3.10 1.59 16.48
C GLN B 232 -3.21 2.09 15.03
N VAL B 233 -2.49 1.43 14.12
CA VAL B 233 -2.54 1.77 12.70
C VAL B 233 -3.92 1.43 12.08
N PHE B 234 -4.45 0.25 12.43
CA PHE B 234 -5.79 -0.17 11.96
C PHE B 234 -6.92 0.70 12.51
N ALA B 235 -6.77 1.16 13.75
CA ALA B 235 -7.71 2.11 14.35
C ALA B 235 -7.53 3.51 13.75
N LEU B 236 -6.28 3.86 13.41
CA LEU B 236 -5.97 5.14 12.76
C LEU B 236 -6.66 5.30 11.40
N ARG B 237 -6.77 4.19 10.65
CA ARG B 237 -7.51 4.17 9.38
C ARG B 237 -8.95 4.67 9.51
N LEU B 238 -9.62 4.28 10.59
CA LEU B 238 -11.05 4.61 10.81
C LEU B 238 -11.24 5.94 11.56
N GLN B 239 -10.47 6.96 11.19
CA GLN B 239 -10.60 8.32 11.73
C GLN B 239 -10.23 9.40 10.70
N ASP B 240 -10.30 9.06 9.41
CA ASP B 240 -9.77 9.89 8.32
C ASP B 240 -8.30 10.30 8.53
N LYS B 241 -7.48 9.33 8.93
CA LYS B 241 -6.04 9.55 9.17
C LYS B 241 -5.23 8.39 8.58
N LYS B 242 -4.93 8.49 7.28
CA LYS B 242 -4.25 7.44 6.54
C LYS B 242 -2.74 7.67 6.53
N LEU B 243 -1.97 6.58 6.57
CA LEU B 243 -0.50 6.65 6.52
C LEU B 243 -0.02 6.99 5.11
N PRO B 244 1.08 7.76 4.98
CA PRO B 244 1.64 8.04 3.64
C PRO B 244 2.22 6.80 2.94
N PRO B 245 2.54 6.90 1.63
CA PRO B 245 2.98 5.75 0.81
C PRO B 245 3.96 4.77 1.47
N LEU B 246 5.08 5.26 2.00
CA LEU B 246 6.13 4.40 2.56
C LEU B 246 5.71 3.68 3.85
N LEU B 247 5.09 4.42 4.77
CA LEU B 247 4.67 3.84 6.06
C LEU B 247 3.53 2.82 5.88
N SER B 248 2.67 3.06 4.90
CA SER B 248 1.59 2.12 4.54
C SER B 248 2.14 0.80 3.98
N GLU B 249 3.20 0.89 3.18
CA GLU B 249 3.90 -0.30 2.69
C GLU B 249 4.42 -1.19 3.82
N ILE B 250 5.03 -0.58 4.83
CA ILE B 250 5.64 -1.33 5.93
C ILE B 250 4.70 -1.70 7.09
N TRP B 251 3.63 -0.93 7.31
CA TRP B 251 2.74 -1.16 8.47
C TRP B 251 1.28 -1.57 8.18
N ASP B 252 0.71 -1.17 7.04
CA ASP B 252 -0.63 -1.63 6.65
C ASP B 252 -0.55 -3.03 6.03
N SER B 261 4.27 -5.74 -3.49
CA SER B 261 3.58 -4.47 -3.24
C SER B 261 4.40 -3.57 -2.31
N HIS B 262 5.65 -3.36 -2.67
CA HIS B 262 6.61 -2.57 -1.88
C HIS B 262 7.45 -1.68 -2.80
N LYS B 263 6.77 -0.90 -3.64
CA LYS B 263 7.42 -0.10 -4.70
C LYS B 263 8.48 0.88 -4.18
N ILE B 264 8.11 1.67 -3.17
CA ILE B 264 9.03 2.65 -2.56
C ILE B 264 10.17 1.94 -1.82
N LEU B 265 9.84 0.89 -1.08
CA LEU B 265 10.82 0.16 -0.26
C LEU B 265 11.86 -0.57 -1.11
N HIS B 266 11.42 -1.19 -2.21
CA HIS B 266 12.32 -1.77 -3.22
C HIS B 266 13.29 -0.71 -3.75
N ARG B 267 12.74 0.46 -4.10
CA ARG B 267 13.53 1.57 -4.65
C ARG B 267 14.52 2.17 -3.66
N LEU B 268 14.09 2.35 -2.41
CA LEU B 268 14.97 2.87 -1.35
C LEU B 268 16.17 1.97 -1.05
N LEU B 269 15.98 0.65 -1.18
CA LEU B 269 17.06 -0.32 -1.01
C LEU B 269 18.16 -0.15 -2.08
N GLN B 270 17.75 0.02 -3.33
CA GLN B 270 18.70 0.19 -4.45
C GLN B 270 19.17 1.64 -4.57
N ASP B 271 20.37 1.92 -4.05
CA ASP B 271 21.02 3.25 -4.13
C ASP B 271 22.17 3.36 -3.13
N VAL C 12 -30.55 20.99 -38.75
CA VAL C 12 -31.15 20.83 -37.38
C VAL C 12 -32.02 19.57 -37.21
N GLN C 13 -31.68 18.51 -37.92
CA GLN C 13 -32.40 17.23 -37.86
C GLN C 13 -31.50 16.14 -38.47
N LEU C 14 -31.60 14.91 -37.96
CA LEU C 14 -30.72 13.84 -38.41
C LEU C 14 -30.90 13.54 -39.90
N THR C 15 -29.78 13.47 -40.63
CA THR C 15 -29.81 13.12 -42.06
C THR C 15 -30.10 11.63 -42.20
N ALA C 16 -30.50 11.22 -43.40
CA ALA C 16 -30.76 9.81 -43.69
C ALA C 16 -29.50 8.95 -43.51
N ALA C 17 -28.35 9.51 -43.89
CA ALA C 17 -27.06 8.86 -43.66
C ALA C 17 -26.78 8.67 -42.17
N GLN C 18 -26.98 9.72 -41.39
CA GLN C 18 -26.78 9.68 -39.93
C GLN C 18 -27.72 8.72 -39.22
N GLU C 19 -28.96 8.61 -39.70
CA GLU C 19 -29.94 7.67 -39.14
C GLU C 19 -29.57 6.20 -39.35
N LEU C 20 -29.07 5.89 -40.55
CA LEU C 20 -28.57 4.54 -40.85
C LEU C 20 -27.38 4.18 -39.94
N MET C 21 -26.44 5.12 -39.82
CA MET C 21 -25.24 4.95 -38.98
C MET C 21 -25.57 4.62 -37.53
N ILE C 22 -26.49 5.39 -36.95
CA ILE C 22 -26.95 5.18 -35.57
C ILE C 22 -27.64 3.81 -35.46
N GLN C 23 -28.55 3.53 -36.38
CA GLN C 23 -29.28 2.25 -36.41
C GLN C 23 -28.33 1.05 -36.51
N GLN C 24 -27.33 1.16 -37.38
CA GLN C 24 -26.30 0.11 -37.54
C GLN C 24 -25.51 -0.12 -36.25
N LEU C 25 -25.08 0.96 -35.60
CA LEU C 25 -24.33 0.89 -34.35
C LEU C 25 -25.15 0.35 -33.18
N VAL C 26 -26.42 0.74 -33.09
CA VAL C 26 -27.33 0.27 -32.03
C VAL C 26 -27.62 -1.23 -32.20
N ALA C 27 -27.91 -1.65 -33.42
CA ALA C 27 -28.14 -3.06 -33.72
C ALA C 27 -26.89 -3.92 -33.49
N ALA C 28 -25.72 -3.38 -33.85
CA ALA C 28 -24.43 -4.03 -33.57
C ALA C 28 -24.16 -4.17 -32.08
N GLN C 29 -24.55 -3.15 -31.31
CA GLN C 29 -24.43 -3.16 -29.84
C GLN C 29 -25.29 -4.25 -29.19
N LEU C 30 -26.48 -4.49 -29.75
CA LEU C 30 -27.40 -5.54 -29.25
C LEU C 30 -26.85 -6.97 -29.34
N GLN C 31 -25.97 -7.23 -30.31
CA GLN C 31 -25.31 -8.54 -30.44
C GLN C 31 -24.43 -8.85 -29.23
N CYS C 32 -23.75 -7.82 -28.71
CA CYS C 32 -22.96 -7.94 -27.48
C CYS C 32 -23.86 -8.22 -26.28
N ASN C 33 -23.30 -8.87 -25.26
CA ASN C 33 -23.97 -9.08 -23.96
C ASN C 33 -25.31 -9.83 -24.05
N LYS C 34 -25.36 -10.84 -24.91
CA LYS C 34 -26.54 -11.73 -25.06
C LYS C 34 -26.44 -13.02 -24.24
N ARG C 35 -25.23 -13.42 -23.85
CA ARG C 35 -24.99 -14.64 -23.05
C ARG C 35 -25.54 -14.53 -21.63
N SER C 36 -26.50 -15.40 -21.28
CA SER C 36 -27.08 -15.45 -19.93
C SER C 36 -26.31 -16.37 -18.98
N PHE C 37 -26.64 -16.27 -17.70
CA PHE C 37 -26.03 -17.09 -16.64
C PHE C 37 -26.41 -18.57 -16.74
N SER C 38 -27.62 -18.85 -17.23
CA SER C 38 -28.08 -20.22 -17.50
C SER C 38 -27.39 -20.76 -18.76
N ASP C 39 -27.63 -20.06 -19.88
CA ASP C 39 -27.10 -20.38 -21.22
C ASP C 39 -26.38 -21.73 -21.43
N GLN C 40 -25.04 -21.74 -21.47
CA GLN C 40 -24.25 -22.92 -21.89
C GLN C 40 -23.35 -23.45 -20.74
N PRO C 41 -22.06 -23.03 -20.65
CA PRO C 41 -21.32 -23.43 -19.44
C PRO C 41 -21.54 -22.47 -18.28
N SER C 58 -11.78 -16.98 -3.84
CA SER C 58 -10.68 -16.02 -3.82
C SER C 58 -9.89 -16.07 -5.14
N GLN C 59 -9.33 -17.23 -5.43
CA GLN C 59 -8.53 -17.45 -6.65
C GLN C 59 -9.43 -17.90 -7.80
N GLN C 60 -10.44 -18.71 -7.50
CA GLN C 60 -11.46 -19.10 -8.48
C GLN C 60 -12.33 -17.93 -8.95
N ARG C 61 -12.53 -16.94 -8.06
CA ARG C 61 -13.27 -15.72 -8.39
C ARG C 61 -12.53 -14.83 -9.42
N PHE C 62 -11.20 -14.86 -9.38
CA PHE C 62 -10.38 -14.17 -10.38
C PHE C 62 -10.49 -14.83 -11.76
N ALA C 63 -10.42 -16.16 -11.78
CA ALA C 63 -10.57 -16.94 -13.02
C ALA C 63 -11.97 -16.85 -13.63
N HIS C 64 -12.98 -16.56 -12.79
CA HIS C 64 -14.35 -16.33 -13.24
C HIS C 64 -14.46 -15.03 -14.05
N PHE C 65 -13.91 -13.93 -13.51
CA PHE C 65 -13.97 -12.62 -14.16
C PHE C 65 -13.20 -12.58 -15.49
N THR C 66 -12.00 -13.18 -15.51
CA THR C 66 -11.18 -13.28 -16.74
C THR C 66 -11.96 -13.91 -17.90
N GLU C 67 -12.67 -15.01 -17.60
CA GLU C 67 -13.46 -15.73 -18.60
C GLU C 67 -14.59 -14.86 -19.18
N LEU C 68 -15.23 -14.07 -18.32
CA LEU C 68 -16.30 -13.14 -18.74
C LEU C 68 -15.72 -11.96 -19.50
N ALA C 69 -14.53 -11.52 -19.10
CA ALA C 69 -13.80 -10.46 -19.80
C ALA C 69 -13.41 -10.89 -21.22
N ILE C 70 -12.88 -12.11 -21.34
CA ILE C 70 -12.54 -12.71 -22.65
C ILE C 70 -13.72 -12.72 -23.62
N ILE C 71 -14.91 -13.07 -23.13
CA ILE C 71 -16.13 -13.04 -23.97
C ILE C 71 -16.43 -11.62 -24.41
N SER C 72 -16.29 -10.67 -23.49
CA SER C 72 -16.51 -9.24 -23.79
C SER C 72 -15.48 -8.71 -24.80
N VAL C 73 -14.20 -9.04 -24.62
CA VAL C 73 -13.14 -8.64 -25.55
C VAL C 73 -13.45 -9.12 -26.96
N GLN C 74 -13.70 -10.43 -27.08
CA GLN C 74 -14.11 -11.07 -28.34
C GLN C 74 -15.29 -10.36 -29.02
N GLU C 75 -16.30 -10.01 -28.24
CA GLU C 75 -17.47 -9.28 -28.76
C GLU C 75 -17.17 -7.83 -29.19
N ILE C 76 -16.27 -7.18 -28.48
CA ILE C 76 -15.82 -5.81 -28.82
C ILE C 76 -15.02 -5.78 -30.13
N VAL C 77 -14.25 -6.84 -30.41
CA VAL C 77 -13.49 -6.96 -31.65
C VAL C 77 -14.43 -7.10 -32.84
N ASP C 78 -15.42 -7.98 -32.73
CA ASP C 78 -16.47 -8.15 -33.76
C ASP C 78 -17.32 -6.90 -33.94
N PHE C 79 -17.60 -6.20 -32.84
CA PHE C 79 -18.31 -4.92 -32.91
C PHE C 79 -17.53 -3.92 -33.75
N ALA C 80 -16.23 -3.81 -33.45
CA ALA C 80 -15.32 -2.86 -34.13
C ALA C 80 -15.26 -3.05 -35.65
N LYS C 81 -15.24 -4.30 -36.11
CA LYS C 81 -15.20 -4.59 -37.55
C LYS C 81 -16.44 -4.09 -38.29
N GLN C 82 -17.60 -4.17 -37.62
CA GLN C 82 -18.87 -3.70 -38.19
C GLN C 82 -18.99 -2.17 -38.27
N VAL C 83 -18.16 -1.45 -37.52
CA VAL C 83 -18.11 0.00 -37.59
C VAL C 83 -17.46 0.36 -38.92
N PRO C 84 -18.15 1.17 -39.77
CA PRO C 84 -17.58 1.55 -41.06
C PRO C 84 -16.24 2.26 -40.96
N GLY C 85 -15.27 1.79 -41.75
CA GLY C 85 -13.92 2.39 -41.81
C GLY C 85 -12.85 1.72 -40.97
N PHE C 86 -13.24 0.89 -40.01
CA PHE C 86 -12.29 0.26 -39.09
C PHE C 86 -11.43 -0.81 -39.77
N LEU C 87 -12.06 -1.65 -40.60
CA LEU C 87 -11.34 -2.66 -41.38
C LEU C 87 -10.44 -2.06 -42.46
N GLN C 88 -10.79 -0.86 -42.95
CA GLN C 88 -10.03 -0.19 -44.00
C GLN C 88 -8.69 0.38 -43.50
N LEU C 89 -8.60 0.64 -42.19
CA LEU C 89 -7.32 0.99 -41.55
C LEU C 89 -6.30 -0.15 -41.61
N GLY C 90 -5.03 0.21 -41.47
CA GLY C 90 -3.96 -0.78 -41.39
C GLY C 90 -4.03 -1.60 -40.11
N ARG C 91 -3.64 -2.88 -40.22
CA ARG C 91 -3.69 -3.84 -39.11
C ARG C 91 -3.10 -3.31 -37.80
N GLU C 92 -1.87 -2.80 -37.88
CA GLU C 92 -1.16 -2.31 -36.68
C GLU C 92 -1.90 -1.15 -35.98
N ASP C 93 -2.62 -0.34 -36.76
CA ASP C 93 -3.50 0.69 -36.19
C ASP C 93 -4.74 0.10 -35.53
N GLN C 94 -5.36 -0.91 -36.17
CA GLN C 94 -6.55 -1.59 -35.63
C GLN C 94 -6.28 -2.15 -34.23
N ILE C 95 -5.12 -2.77 -34.07
CA ILE C 95 -4.69 -3.33 -32.79
C ILE C 95 -4.48 -2.22 -31.77
N ALA C 96 -3.72 -1.19 -32.17
CA ALA C 96 -3.44 -0.02 -31.31
C ALA C 96 -4.71 0.63 -30.75
N LEU C 97 -5.76 0.72 -31.57
CA LEU C 97 -7.04 1.25 -31.14
C LEU C 97 -7.79 0.32 -30.18
N LEU C 98 -7.79 -0.98 -30.47
CA LEU C 98 -8.45 -1.98 -29.61
C LEU C 98 -7.72 -2.22 -28.28
N LYS C 99 -6.40 -2.21 -28.32
CA LYS C 99 -5.56 -2.33 -27.12
C LYS C 99 -5.98 -1.32 -26.04
N ALA C 100 -6.09 -0.05 -26.45
CA ALA C 100 -6.41 1.04 -25.54
C ALA C 100 -7.90 1.15 -25.21
N SER C 101 -8.75 1.03 -26.22
CA SER C 101 -10.19 1.29 -26.08
C SER C 101 -11.03 0.20 -25.41
N THR C 102 -10.58 -1.06 -25.42
CA THR C 102 -11.42 -2.17 -24.97
C THR C 102 -11.83 -2.04 -23.50
N ILE C 103 -10.87 -1.78 -22.62
CA ILE C 103 -11.19 -1.53 -21.20
C ILE C 103 -12.14 -0.34 -21.02
N GLU C 104 -11.97 0.70 -21.84
CA GLU C 104 -12.85 1.87 -21.79
C GLU C 104 -14.26 1.55 -22.29
N ILE C 105 -14.37 0.71 -23.32
CA ILE C 105 -15.66 0.25 -23.81
C ILE C 105 -16.39 -0.59 -22.76
N MET C 106 -15.64 -1.46 -22.09
CA MET C 106 -16.19 -2.24 -20.96
C MET C 106 -16.73 -1.36 -19.86
N LEU C 107 -16.00 -0.29 -19.53
CA LEU C 107 -16.41 0.65 -18.48
C LEU C 107 -17.68 1.43 -18.83
N LEU C 108 -17.84 1.75 -20.13
CA LEU C 108 -19.07 2.37 -20.63
C LEU C 108 -20.27 1.42 -20.47
N GLU C 109 -20.03 0.13 -20.75
CA GLU C 109 -21.09 -0.89 -20.65
C GLU C 109 -21.47 -1.20 -19.21
N THR C 110 -20.50 -1.23 -18.30
CA THR C 110 -20.78 -1.44 -16.88
C THR C 110 -21.59 -0.27 -16.29
N ALA C 111 -21.31 0.95 -16.75
CA ALA C 111 -22.09 2.13 -16.39
C ALA C 111 -23.52 2.11 -16.95
N ARG C 112 -23.66 1.62 -18.19
CA ARG C 112 -24.94 1.66 -18.92
C ARG C 112 -26.08 0.89 -18.25
N ARG C 113 -25.77 -0.28 -17.70
CA ARG C 113 -26.74 -1.08 -16.92
C ARG C 113 -26.33 -1.22 -15.46
N TYR C 114 -25.71 -0.17 -14.90
CA TYR C 114 -25.43 -0.12 -13.47
C TYR C 114 -26.75 0.13 -12.75
N ASN C 115 -26.97 -0.62 -11.67
CA ASN C 115 -28.20 -0.54 -10.89
C ASN C 115 -27.94 0.35 -9.67
N HIS C 116 -28.58 1.52 -9.65
CA HIS C 116 -28.42 2.50 -8.56
C HIS C 116 -29.08 2.02 -7.25
N GLU C 117 -30.12 1.19 -7.39
CA GLU C 117 -30.89 0.68 -6.25
C GLU C 117 -30.10 -0.38 -5.49
N THR C 118 -29.52 -1.32 -6.22
CA THR C 118 -28.77 -2.45 -5.64
C THR C 118 -27.25 -2.21 -5.55
N GLU C 119 -26.74 -1.20 -6.26
CA GLU C 119 -25.29 -0.95 -6.40
C GLU C 119 -24.52 -2.19 -6.93
N CYS C 120 -25.10 -2.89 -7.90
CA CYS C 120 -24.47 -4.05 -8.55
C CYS C 120 -24.12 -3.74 -10.01
N ILE C 121 -22.91 -4.14 -10.43
CA ILE C 121 -22.45 -4.01 -11.81
C ILE C 121 -22.74 -5.30 -12.58
N THR C 122 -23.42 -5.16 -13.73
CA THR C 122 -23.74 -6.30 -14.60
C THR C 122 -22.65 -6.51 -15.66
N PHE C 123 -22.22 -7.75 -15.81
CA PHE C 123 -21.34 -8.18 -16.90
C PHE C 123 -22.12 -9.11 -17.83
N LEU C 124 -21.86 -9.00 -19.13
CA LEU C 124 -22.59 -9.75 -20.16
C LEU C 124 -24.10 -9.55 -19.95
N LYS C 125 -24.94 -10.55 -20.22
CA LYS C 125 -26.39 -10.40 -20.03
C LYS C 125 -26.79 -10.29 -18.56
N ASP C 126 -26.40 -11.28 -17.75
CA ASP C 126 -27.04 -11.51 -16.44
C ASP C 126 -26.10 -11.73 -15.25
N PHE C 127 -24.83 -11.35 -15.35
CA PHE C 127 -23.85 -11.64 -14.29
C PHE C 127 -23.63 -10.38 -13.45
N THR C 128 -24.34 -10.31 -12.32
CA THR C 128 -24.38 -9.12 -11.47
C THR C 128 -23.44 -9.28 -10.28
N TYR C 129 -22.66 -8.24 -9.96
CA TYR C 129 -21.70 -8.26 -8.86
C TYR C 129 -21.70 -6.93 -8.12
N SER C 130 -21.84 -6.99 -6.80
CA SER C 130 -21.70 -5.82 -5.93
C SER C 130 -20.21 -5.53 -5.71
N LYS C 131 -19.93 -4.34 -5.17
CA LYS C 131 -18.55 -3.92 -4.84
C LYS C 131 -17.82 -4.90 -3.91
N ASP C 132 -18.59 -5.60 -3.08
CA ASP C 132 -18.05 -6.63 -2.17
C ASP C 132 -17.40 -7.78 -2.94
N ASP C 133 -18.09 -8.26 -3.98
CA ASP C 133 -17.63 -9.38 -4.81
C ASP C 133 -16.27 -9.10 -5.47
N PHE C 134 -16.05 -7.85 -5.85
CA PHE C 134 -14.77 -7.41 -6.42
C PHE C 134 -13.66 -7.44 -5.37
N HIS C 135 -13.98 -7.03 -4.15
CA HIS C 135 -13.04 -7.08 -3.01
C HIS C 135 -12.50 -8.48 -2.73
N ARG C 136 -13.33 -9.50 -2.90
CA ARG C 136 -12.95 -10.91 -2.61
C ARG C 136 -12.08 -11.47 -3.70
N ALA C 137 -12.32 -11.05 -4.94
CA ALA C 137 -11.49 -11.41 -6.09
C ALA C 137 -10.05 -10.86 -6.02
N GLY C 138 -9.74 -10.02 -5.03
CA GLY C 138 -8.41 -9.50 -4.82
C GLY C 138 -8.18 -8.16 -5.50
N LEU C 139 -9.25 -7.52 -5.96
CA LEU C 139 -9.17 -6.18 -6.51
C LEU C 139 -9.04 -5.17 -5.37
N GLN C 140 -8.50 -3.99 -5.69
CA GLN C 140 -8.08 -2.99 -4.71
C GLN C 140 -8.98 -1.76 -4.78
N VAL C 141 -9.43 -1.27 -3.61
CA VAL C 141 -10.36 -0.13 -3.49
C VAL C 141 -10.04 1.10 -4.34
N GLU C 142 -8.77 1.31 -4.64
CA GLU C 142 -8.29 2.37 -5.55
C GLU C 142 -8.88 2.22 -6.94
N PHE C 143 -8.96 0.97 -7.41
CA PHE C 143 -9.57 0.62 -8.69
C PHE C 143 -11.11 0.58 -8.63
N ILE C 144 -11.64 0.02 -7.55
CA ILE C 144 -13.05 -0.42 -7.51
C ILE C 144 -14.01 0.77 -7.38
N ASN C 145 -13.75 1.63 -6.41
CA ASN C 145 -14.67 2.75 -6.11
C ASN C 145 -14.79 3.80 -7.23
N PRO C 146 -13.68 4.14 -7.92
CA PRO C 146 -13.77 4.96 -9.14
C PRO C 146 -14.64 4.42 -10.29
N ILE C 147 -14.76 3.10 -10.41
CA ILE C 147 -15.65 2.48 -11.40
C ILE C 147 -17.10 2.74 -11.02
N PHE C 148 -17.43 2.41 -9.78
CA PHE C 148 -18.78 2.62 -9.25
C PHE C 148 -19.16 4.11 -9.24
N GLU C 149 -18.19 4.97 -8.94
CA GLU C 149 -18.38 6.41 -9.05
C GLU C 149 -18.69 6.84 -10.49
N PHE C 150 -17.91 6.30 -11.43
CA PHE C 150 -18.10 6.58 -12.86
C PHE C 150 -19.48 6.13 -13.34
N SER C 151 -19.91 4.94 -12.93
CA SER C 151 -21.23 4.43 -13.28
C SER C 151 -22.39 5.28 -12.71
N ARG C 152 -22.18 5.84 -11.52
CA ARG C 152 -23.11 6.82 -10.93
C ARG C 152 -23.16 8.14 -11.70
N ALA C 153 -21.98 8.66 -12.04
CA ALA C 153 -21.86 9.96 -12.73
C ALA C 153 -22.50 9.95 -14.12
N MET C 154 -22.38 8.82 -14.82
CA MET C 154 -23.02 8.62 -16.13
C MET C 154 -24.54 8.58 -16.07
N ARG C 155 -25.07 8.08 -14.96
CA ARG C 155 -26.51 8.01 -14.72
C ARG C 155 -27.20 9.38 -14.66
N ARG C 156 -26.52 10.35 -14.05
CA ARG C 156 -27.01 11.74 -14.01
C ARG C 156 -27.18 12.36 -15.40
N LEU C 157 -26.37 11.90 -16.34
CA LEU C 157 -26.50 12.33 -17.75
C LEU C 157 -27.82 11.85 -18.40
N GLY C 158 -28.23 10.62 -18.10
CA GLY C 158 -29.48 10.07 -18.66
C GLY C 158 -29.33 9.67 -20.11
N LEU C 159 -28.28 8.91 -20.40
CA LEU C 159 -27.94 8.54 -21.77
C LEU C 159 -28.80 7.38 -22.27
N ASP C 160 -29.32 7.53 -23.49
CA ASP C 160 -30.02 6.43 -24.17
C ASP C 160 -29.02 5.54 -24.91
N ASP C 161 -29.53 4.50 -25.55
CA ASP C 161 -28.69 3.50 -26.23
C ASP C 161 -27.93 4.06 -27.44
N ALA C 162 -28.55 5.00 -28.18
CA ALA C 162 -27.90 5.62 -29.36
C ALA C 162 -26.68 6.45 -28.98
N GLU C 163 -26.79 7.16 -27.86
CA GLU C 163 -25.72 8.00 -27.35
C GLU C 163 -24.52 7.19 -26.88
N TYR C 164 -24.78 6.16 -26.07
CA TYR C 164 -23.75 5.18 -25.69
C TYR C 164 -23.05 4.54 -26.91
N ALA C 165 -23.82 4.26 -27.96
CA ALA C 165 -23.26 3.66 -29.19
C ALA C 165 -22.30 4.60 -29.91
N LEU C 166 -22.74 5.83 -30.13
CA LEU C 166 -21.89 6.86 -30.76
C LEU C 166 -20.63 7.14 -29.96
N LEU C 167 -20.78 7.16 -28.65
CA LEU C 167 -19.66 7.41 -27.73
C LEU C 167 -18.60 6.28 -27.83
N ILE C 168 -19.05 5.04 -28.01
CA ILE C 168 -18.16 3.89 -28.22
C ILE C 168 -17.35 4.03 -29.51
N ALA C 169 -18.04 4.37 -30.61
CA ALA C 169 -17.41 4.60 -31.91
C ALA C 169 -16.38 5.74 -31.84
N ILE C 170 -16.76 6.82 -31.16
CA ILE C 170 -15.85 7.95 -30.91
C ILE C 170 -14.62 7.49 -30.11
N ASN C 171 -14.86 6.64 -29.10
CA ASN C 171 -13.77 6.07 -28.28
C ASN C 171 -12.80 5.20 -29.08
N ILE C 172 -13.33 4.39 -30.02
CA ILE C 172 -12.51 3.51 -30.85
C ILE C 172 -11.55 4.32 -31.73
N PHE C 173 -12.09 5.30 -32.45
CA PHE C 173 -11.28 6.12 -33.36
C PHE C 173 -10.58 7.27 -32.63
N SER C 174 -9.66 6.93 -31.73
CA SER C 174 -8.92 7.92 -30.95
C SER C 174 -7.50 7.99 -31.49
N ALA C 175 -7.15 9.15 -32.05
CA ALA C 175 -5.85 9.36 -32.70
C ALA C 175 -4.70 9.57 -31.72
N ASP C 176 -5.03 9.83 -30.45
CA ASP C 176 -4.02 10.06 -29.40
C ASP C 176 -3.58 8.79 -28.66
N ARG C 177 -3.90 7.61 -29.18
CA ARG C 177 -3.50 6.35 -28.54
C ARG C 177 -2.02 6.09 -28.82
N PRO C 178 -1.37 5.22 -28.01
CA PRO C 178 0.03 4.88 -28.26
C PRO C 178 0.23 4.07 -29.56
N ASN C 179 1.35 4.32 -30.23
CA ASN C 179 1.79 3.57 -31.42
C ASN C 179 0.85 3.66 -32.65
N VAL C 180 0.05 4.73 -32.73
CA VAL C 180 -0.83 4.93 -33.88
C VAL C 180 0.00 5.54 -35.00
N GLN C 181 0.01 4.86 -36.15
CA GLN C 181 0.81 5.25 -37.30
C GLN C 181 0.16 6.34 -38.14
N GLU C 182 -1.17 6.36 -38.21
CA GLU C 182 -1.91 7.28 -39.07
C GLU C 182 -2.93 8.10 -38.28
N PRO C 183 -2.46 9.00 -37.38
CA PRO C 183 -3.37 9.80 -36.55
C PRO C 183 -4.38 10.62 -37.36
N GLY C 184 -3.89 11.26 -38.42
CA GLY C 184 -4.74 12.05 -39.32
C GLY C 184 -5.89 11.30 -39.94
N ARG C 185 -5.68 10.02 -40.25
CA ARG C 185 -6.76 9.15 -40.74
C ARG C 185 -7.76 8.82 -39.63
N VAL C 186 -7.24 8.41 -38.48
CA VAL C 186 -8.07 8.04 -37.33
C VAL C 186 -8.95 9.22 -36.90
N GLU C 187 -8.39 10.43 -36.90
CA GLU C 187 -9.15 11.65 -36.61
C GLU C 187 -10.29 11.85 -37.59
N ALA C 188 -10.00 11.67 -38.88
CA ALA C 188 -10.99 11.81 -39.96
C ALA C 188 -12.12 10.79 -39.86
N LEU C 189 -11.77 9.56 -39.49
CA LEU C 189 -12.76 8.50 -39.23
C LEU C 189 -13.67 8.78 -38.02
N GLN C 190 -13.14 9.47 -37.02
CA GLN C 190 -13.91 9.86 -35.83
C GLN C 190 -14.91 10.99 -36.09
N GLN C 191 -14.53 11.97 -36.90
CA GLN C 191 -15.31 13.21 -37.10
C GLN C 191 -16.82 13.01 -37.34
N PRO C 192 -17.21 12.14 -38.30
CA PRO C 192 -18.66 11.97 -38.54
C PRO C 192 -19.48 11.50 -37.33
N TYR C 193 -18.86 10.71 -36.45
CA TYR C 193 -19.51 10.24 -35.22
C TYR C 193 -19.72 11.36 -34.20
N VAL C 194 -18.73 12.24 -34.08
CA VAL C 194 -18.84 13.43 -33.23
C VAL C 194 -19.96 14.36 -33.74
N GLU C 195 -19.99 14.59 -35.06
CA GLU C 195 -21.06 15.38 -35.69
C GLU C 195 -22.46 14.79 -35.46
N ALA C 196 -22.57 13.46 -35.59
CA ALA C 196 -23.85 12.75 -35.38
C ALA C 196 -24.37 12.90 -33.94
N LEU C 197 -23.45 12.78 -32.97
CA LEU C 197 -23.78 12.96 -31.57
C LEU C 197 -24.15 14.40 -31.24
N LEU C 198 -23.47 15.36 -31.88
CA LEU C 198 -23.83 16.79 -31.72
C LEU C 198 -25.26 17.06 -32.18
N SER C 199 -25.61 16.55 -33.36
CA SER C 199 -26.97 16.70 -33.92
C SER C 199 -28.01 16.01 -33.05
N TYR C 200 -27.73 14.75 -32.69
CA TYR C 200 -28.62 13.93 -31.87
C TYR C 200 -28.97 14.59 -30.54
N THR C 201 -27.95 15.03 -29.80
CA THR C 201 -28.12 15.67 -28.49
C THR C 201 -28.87 17.00 -28.57
N ARG C 202 -28.64 17.76 -29.64
CA ARG C 202 -29.36 19.01 -29.88
C ARG C 202 -30.86 18.80 -30.12
N ILE C 203 -31.21 17.67 -30.75
CA ILE C 203 -32.62 17.29 -30.96
C ILE C 203 -33.27 16.78 -29.67
N LYS C 204 -32.53 15.96 -28.92
CA LYS C 204 -33.01 15.36 -27.67
C LYS C 204 -33.24 16.40 -26.57
N ARG C 205 -32.29 17.34 -26.44
CA ARG C 205 -32.38 18.43 -25.46
C ARG C 205 -31.96 19.76 -26.11
N PRO C 206 -32.87 20.40 -26.88
CA PRO C 206 -32.63 21.72 -27.46
C PRO C 206 -32.28 22.80 -26.43
N GLN C 207 -32.93 22.73 -25.28
CA GLN C 207 -32.71 23.67 -24.18
C GLN C 207 -31.32 23.53 -23.55
N ASP C 208 -30.82 22.30 -23.44
CA ASP C 208 -29.56 22.03 -22.72
C ASP C 208 -28.38 21.90 -23.67
N GLN C 209 -27.82 23.05 -24.06
CA GLN C 209 -26.66 23.10 -24.97
C GLN C 209 -25.39 22.44 -24.39
N LEU C 210 -25.26 22.41 -23.07
CA LEU C 210 -24.05 21.90 -22.42
C LEU C 210 -24.05 20.40 -22.10
N ARG C 211 -25.13 19.68 -22.40
CA ARG C 211 -25.15 18.24 -22.15
C ARG C 211 -24.16 17.49 -23.01
N PHE C 212 -23.98 17.95 -24.25
CA PHE C 212 -23.04 17.32 -25.18
C PHE C 212 -21.57 17.45 -24.75
N PRO C 213 -21.14 18.65 -24.29
CA PRO C 213 -19.83 18.76 -23.65
C PRO C 213 -19.65 17.80 -22.47
N ARG C 214 -20.60 17.79 -21.53
CA ARG C 214 -20.56 16.91 -20.35
C ARG C 214 -20.38 15.43 -20.71
N MET C 215 -21.05 14.98 -21.76
CA MET C 215 -20.84 13.64 -22.30
C MET C 215 -19.39 13.42 -22.70
N LEU C 216 -18.85 14.35 -23.50
CA LEU C 216 -17.47 14.25 -23.99
C LEU C 216 -16.43 14.29 -22.85
N MET C 217 -16.75 14.99 -21.77
CA MET C 217 -15.84 15.08 -20.62
C MET C 217 -15.79 13.77 -19.81
N LYS C 218 -16.66 12.81 -20.13
CA LYS C 218 -16.57 11.44 -19.61
C LYS C 218 -15.52 10.60 -20.31
N LEU C 219 -15.18 10.96 -21.54
CA LEU C 219 -14.04 10.36 -22.23
C LEU C 219 -12.74 10.65 -21.49
N VAL C 220 -12.69 11.79 -20.80
CA VAL C 220 -11.55 12.17 -19.94
C VAL C 220 -11.46 11.20 -18.75
N SER C 221 -12.58 10.98 -18.07
CA SER C 221 -12.65 10.05 -16.93
C SER C 221 -12.26 8.62 -17.30
N LEU C 222 -12.57 8.20 -18.52
CA LEU C 222 -12.24 6.84 -18.98
C LEU C 222 -10.74 6.60 -19.10
N ARG C 223 -9.98 7.65 -19.41
CA ARG C 223 -8.51 7.56 -19.46
C ARG C 223 -7.92 7.33 -18.08
N THR C 224 -8.35 8.13 -17.11
CA THR C 224 -7.95 7.98 -15.73
C THR C 224 -8.18 6.54 -15.26
N LEU C 225 -9.41 6.07 -15.47
CA LEU C 225 -9.79 4.66 -15.21
C LEU C 225 -8.92 3.65 -15.97
N SER C 226 -8.59 3.94 -17.23
CA SER C 226 -7.73 3.09 -18.07
C SER C 226 -6.33 2.87 -17.48
N SER C 227 -5.75 3.94 -16.94
CA SER C 227 -4.42 3.86 -16.30
C SER C 227 -4.51 3.26 -14.88
N VAL C 228 -5.60 3.55 -14.19
CA VAL C 228 -5.93 2.91 -12.90
C VAL C 228 -6.07 1.39 -13.05
N HIS C 229 -6.74 0.97 -14.13
CA HIS C 229 -6.87 -0.45 -14.49
C HIS C 229 -5.51 -1.11 -14.74
N SER C 230 -4.62 -0.40 -15.44
CA SER C 230 -3.25 -0.87 -15.68
C SER C 230 -2.41 -1.05 -14.40
N GLU C 231 -2.65 -0.22 -13.40
CA GLU C 231 -2.02 -0.38 -12.10
C GLU C 231 -2.62 -1.55 -11.31
N GLN C 232 -3.92 -1.80 -11.50
CA GLN C 232 -4.62 -2.94 -10.90
C GLN C 232 -4.22 -4.31 -11.51
N VAL C 233 -4.05 -4.39 -12.84
CA VAL C 233 -3.58 -5.63 -13.48
C VAL C 233 -2.19 -6.06 -12.99
N PHE C 234 -1.32 -5.08 -12.81
CA PHE C 234 0.04 -5.29 -12.34
C PHE C 234 0.06 -5.78 -10.89
N ALA C 235 -0.74 -5.14 -10.05
CA ALA C 235 -0.87 -5.51 -8.63
C ALA C 235 -1.40 -6.93 -8.43
N LEU C 236 -2.26 -7.39 -9.34
CA LEU C 236 -2.75 -8.77 -9.33
C LEU C 236 -1.67 -9.80 -9.68
N ARG C 237 -0.73 -9.42 -10.55
CA ARG C 237 0.43 -10.26 -10.88
C ARG C 237 1.33 -10.54 -9.67
N LEU C 238 1.47 -9.54 -8.79
CA LEU C 238 2.25 -9.67 -7.56
C LEU C 238 1.67 -10.71 -6.59
N GLN C 239 0.35 -10.90 -6.61
CA GLN C 239 -0.32 -11.93 -5.81
C GLN C 239 -0.57 -13.25 -6.58
N ASP C 240 0.30 -13.56 -7.55
CA ASP C 240 0.24 -14.80 -8.34
C ASP C 240 -1.09 -14.98 -9.09
N LYS C 241 -1.51 -13.92 -9.77
CA LYS C 241 -2.75 -13.92 -10.55
C LYS C 241 -2.50 -13.36 -11.96
N LYS C 242 -1.89 -14.19 -12.80
CA LYS C 242 -1.57 -13.82 -14.18
C LYS C 242 -2.82 -13.84 -15.06
N LEU C 243 -2.84 -12.97 -16.06
CA LEU C 243 -3.95 -12.93 -17.04
C LEU C 243 -3.82 -14.08 -18.03
N PRO C 244 -4.94 -14.54 -18.62
CA PRO C 244 -4.89 -15.49 -19.74
C PRO C 244 -4.18 -14.93 -20.98
N PRO C 245 -3.97 -15.78 -22.03
CA PRO C 245 -3.29 -15.35 -23.26
C PRO C 245 -3.88 -14.10 -23.95
N LEU C 246 -5.20 -14.04 -24.12
CA LEU C 246 -5.85 -12.92 -24.82
C LEU C 246 -5.79 -11.62 -24.03
N LEU C 247 -6.15 -11.69 -22.76
CA LEU C 247 -6.13 -10.51 -21.88
C LEU C 247 -4.72 -9.98 -21.65
N SER C 248 -3.73 -10.89 -21.65
CA SER C 248 -2.33 -10.50 -21.54
C SER C 248 -1.86 -9.69 -22.75
N GLU C 249 -2.22 -10.13 -23.95
CA GLU C 249 -1.84 -9.43 -25.19
C GLU C 249 -2.13 -7.93 -25.19
N ILE C 250 -3.27 -7.56 -24.62
CA ILE C 250 -3.77 -6.18 -24.67
C ILE C 250 -3.55 -5.33 -23.41
N TRP C 251 -3.37 -5.96 -22.25
CA TRP C 251 -3.24 -5.24 -20.97
C TRP C 251 -1.88 -5.35 -20.23
N ASP C 252 -1.04 -6.34 -20.57
CA ASP C 252 0.24 -6.54 -19.84
C ASP C 252 1.36 -5.62 -20.32
N VAL C 253 2.44 -5.58 -19.53
CA VAL C 253 3.61 -4.73 -19.81
C VAL C 253 4.65 -5.49 -20.62
N SER C 261 4.07 -8.54 -30.66
CA SER C 261 3.22 -9.50 -31.38
C SER C 261 1.92 -9.77 -30.62
N HIS C 262 0.83 -9.96 -31.37
CA HIS C 262 -0.50 -10.18 -30.80
C HIS C 262 -1.19 -11.35 -31.50
N LYS C 263 -0.59 -12.53 -31.38
CA LYS C 263 -0.98 -13.75 -32.13
C LYS C 263 -2.49 -14.02 -32.18
N ILE C 264 -3.12 -14.01 -31.01
CA ILE C 264 -4.56 -14.30 -30.88
C ILE C 264 -5.42 -13.16 -31.44
N LEU C 265 -5.01 -11.92 -31.21
CA LEU C 265 -5.78 -10.75 -31.66
C LEU C 265 -5.80 -10.66 -33.19
N HIS C 266 -4.68 -11.03 -33.82
CA HIS C 266 -4.61 -11.17 -35.28
C HIS C 266 -5.62 -12.18 -35.80
N ARG C 267 -5.71 -13.33 -35.13
CA ARG C 267 -6.67 -14.38 -35.49
C ARG C 267 -8.13 -13.91 -35.50
N LEU C 268 -8.50 -13.10 -34.51
CA LEU C 268 -9.88 -12.59 -34.40
C LEU C 268 -10.19 -11.50 -35.44
N LEU C 269 -9.22 -10.65 -35.74
CA LEU C 269 -9.37 -9.63 -36.80
C LEU C 269 -9.29 -10.23 -38.21
N GLN C 270 -8.64 -11.38 -38.35
CA GLN C 270 -8.56 -12.12 -39.62
C GLN C 270 -9.87 -12.85 -39.92
N ASP C 271 -10.27 -13.73 -39.01
CA ASP C 271 -11.45 -14.58 -39.20
C ASP C 271 -12.74 -13.81 -38.94
N THR D 15 23.76 -25.30 43.05
CA THR D 15 23.12 -24.95 44.36
C THR D 15 22.07 -25.97 44.78
N ALA D 16 21.78 -26.01 46.07
CA ALA D 16 20.74 -26.88 46.61
C ALA D 16 19.34 -26.41 46.18
N ALA D 17 19.13 -25.09 46.20
CA ALA D 17 17.88 -24.48 45.77
C ALA D 17 17.58 -24.69 44.28
N GLN D 18 18.64 -24.62 43.46
CA GLN D 18 18.51 -24.79 42.00
C GLN D 18 18.08 -26.22 41.65
N GLU D 19 18.79 -27.19 42.23
CA GLU D 19 18.47 -28.61 42.05
C GLU D 19 17.08 -28.97 42.60
N LEU D 20 16.65 -28.28 43.65
CA LEU D 20 15.34 -28.55 44.26
C LEU D 20 14.17 -28.02 43.43
N MET D 21 14.27 -26.79 42.95
CA MET D 21 13.18 -26.19 42.15
C MET D 21 13.02 -26.87 40.78
N ILE D 22 14.14 -27.27 40.17
CA ILE D 22 14.10 -28.01 38.90
C ILE D 22 13.39 -29.36 39.05
N GLN D 23 13.65 -30.04 40.17
CA GLN D 23 13.08 -31.37 40.43
C GLN D 23 11.55 -31.33 40.57
N GLN D 24 11.06 -30.44 41.43
CA GLN D 24 9.61 -30.27 41.65
C GLN D 24 8.87 -29.67 40.43
N LEU D 25 9.59 -28.89 39.63
CA LEU D 25 9.03 -28.30 38.41
C LEU D 25 8.91 -29.38 37.32
N VAL D 26 9.95 -30.18 37.16
CA VAL D 26 9.93 -31.35 36.25
C VAL D 26 8.86 -32.37 36.68
N ALA D 27 8.75 -32.59 38.00
CA ALA D 27 7.76 -33.51 38.55
C ALA D 27 6.31 -33.03 38.33
N ALA D 28 6.08 -31.73 38.48
CA ALA D 28 4.76 -31.12 38.21
C ALA D 28 4.43 -31.11 36.71
N GLN D 29 5.46 -30.93 35.89
CA GLN D 29 5.35 -31.00 34.42
C GLN D 29 4.98 -32.40 33.93
N LEU D 30 5.33 -33.42 34.71
CA LEU D 30 5.06 -34.82 34.36
C LEU D 30 3.59 -35.23 34.51
N GLN D 31 2.79 -34.42 35.22
CA GLN D 31 1.35 -34.69 35.41
C GLN D 31 0.49 -34.03 34.31
N CYS D 32 1.12 -33.25 33.44
CA CYS D 32 0.39 -32.34 32.53
C CYS D 32 -0.23 -32.99 31.27
N ASN D 33 0.37 -34.05 30.73
CA ASN D 33 -0.10 -34.63 29.46
C ASN D 33 -0.16 -36.16 29.49
N LYS D 34 -1.23 -36.66 30.08
CA LYS D 34 -1.40 -38.11 30.33
C LYS D 34 -2.70 -38.73 29.82
N ARG D 35 -3.74 -37.93 29.56
CA ARG D 35 -5.03 -38.44 29.06
C ARG D 35 -4.91 -38.93 27.62
N SER D 36 -5.55 -40.06 27.34
CA SER D 36 -5.44 -40.74 26.04
C SER D 36 -6.76 -40.75 25.27
N PHE D 37 -6.63 -40.81 23.95
CA PHE D 37 -7.73 -41.18 23.03
C PHE D 37 -8.30 -42.57 23.30
N SER D 38 -7.49 -43.41 23.93
CA SER D 38 -7.89 -44.75 24.27
C SER D 38 -8.25 -44.87 25.72
N ASP D 39 -8.52 -43.74 26.36
CA ASP D 39 -8.77 -43.73 27.77
C ASP D 39 -10.16 -43.24 28.09
N GLN D 40 -10.69 -43.76 29.20
CA GLN D 40 -11.86 -43.27 29.92
C GLN D 40 -12.83 -42.48 29.12
N PRO D 41 -13.54 -41.55 29.73
CA PRO D 41 -14.46 -40.77 28.90
C PRO D 41 -13.86 -40.28 27.59
N LYS D 42 -14.71 -40.19 26.56
CA LYS D 42 -14.29 -39.76 25.23
C LYS D 42 -14.72 -38.33 24.97
N VAL D 43 -13.81 -37.55 24.39
CA VAL D 43 -14.15 -36.23 23.87
C VAL D 43 -14.97 -36.40 22.60
N THR D 44 -15.55 -35.32 22.10
CA THR D 44 -16.31 -35.33 20.85
C THR D 44 -15.48 -36.04 19.77
N PRO D 45 -16.11 -36.97 19.01
CA PRO D 45 -15.31 -37.79 18.12
C PRO D 45 -14.87 -37.05 16.86
N TRP D 46 -13.73 -37.48 16.33
CA TRP D 46 -13.17 -36.90 15.12
C TRP D 46 -13.85 -37.55 13.90
N PRO D 47 -14.59 -36.76 13.10
CA PRO D 47 -15.30 -37.34 11.96
C PRO D 47 -14.36 -37.67 10.80
N ALA D 50 -17.42 -39.20 6.93
CA ALA D 50 -16.09 -38.62 7.02
C ALA D 50 -15.75 -37.75 5.80
N ASP D 51 -16.67 -36.87 5.44
CA ASP D 51 -16.53 -35.99 4.27
C ASP D 51 -15.68 -34.77 4.65
N PRO D 52 -14.53 -34.55 3.97
CA PRO D 52 -13.59 -33.48 4.34
C PRO D 52 -14.03 -32.06 3.97
N ALA D 53 -14.72 -31.91 2.83
CA ALA D 53 -15.21 -30.60 2.38
C ALA D 53 -16.44 -30.08 3.17
N SER D 54 -17.06 -30.95 3.97
CA SER D 54 -18.26 -30.59 4.74
C SER D 54 -17.98 -29.57 5.85
N GLY D 55 -18.78 -28.50 5.87
CA GLY D 55 -18.76 -27.52 6.95
C GLY D 55 -19.31 -28.05 8.27
N SER D 56 -20.27 -28.98 8.17
CA SER D 56 -20.79 -29.72 9.32
C SER D 56 -19.71 -30.56 10.01
N ALA D 57 -18.85 -31.19 9.21
CA ALA D 57 -17.68 -31.93 9.71
C ALA D 57 -16.59 -30.99 10.24
N SER D 58 -16.40 -29.86 9.56
CA SER D 58 -15.50 -28.78 10.00
C SER D 58 -15.90 -28.23 11.38
N GLN D 59 -17.21 -28.14 11.61
CA GLN D 59 -17.78 -27.73 12.90
C GLN D 59 -17.50 -28.76 14.01
N GLN D 60 -17.59 -30.05 13.68
CA GLN D 60 -17.30 -31.13 14.63
C GLN D 60 -15.81 -31.20 14.99
N ARG D 61 -14.94 -31.03 13.99
CA ARG D 61 -13.48 -30.99 14.19
C ARG D 61 -13.04 -29.85 15.11
N PHE D 62 -13.66 -28.68 14.90
CA PHE D 62 -13.45 -27.50 15.74
C PHE D 62 -13.83 -27.81 17.20
N ALA D 63 -15.00 -28.41 17.39
CA ALA D 63 -15.47 -28.83 18.71
C ALA D 63 -14.55 -29.85 19.37
N HIS D 64 -14.01 -30.77 18.57
CA HIS D 64 -13.04 -31.76 19.05
C HIS D 64 -11.77 -31.11 19.61
N PHE D 65 -11.21 -30.14 18.87
CA PHE D 65 -10.00 -29.44 19.30
C PHE D 65 -10.22 -28.63 20.57
N THR D 66 -11.35 -27.90 20.64
CA THR D 66 -11.66 -27.04 21.79
C THR D 66 -11.71 -27.81 23.11
N GLU D 67 -12.30 -29.00 23.08
CA GLU D 67 -12.36 -29.86 24.26
C GLU D 67 -10.97 -30.24 24.74
N LEU D 68 -10.11 -30.64 23.79
CA LEU D 68 -8.70 -30.95 24.08
C LEU D 68 -7.89 -29.76 24.63
N ALA D 69 -8.21 -28.56 24.15
CA ALA D 69 -7.57 -27.35 24.66
C ALA D 69 -8.00 -27.07 26.11
N ILE D 70 -9.31 -27.14 26.37
CA ILE D 70 -9.87 -27.00 27.73
C ILE D 70 -9.16 -27.87 28.77
N ILE D 71 -8.91 -29.14 28.42
CA ILE D 71 -8.23 -30.07 29.34
C ILE D 71 -6.83 -29.54 29.60
N SER D 72 -6.15 -29.10 28.54
CA SER D 72 -4.79 -28.54 28.66
C SER D 72 -4.76 -27.24 29.48
N VAL D 73 -5.76 -26.37 29.31
CA VAL D 73 -5.89 -25.13 30.09
C VAL D 73 -5.98 -25.46 31.58
N GLN D 74 -6.90 -26.37 31.92
CA GLN D 74 -7.11 -26.83 33.30
C GLN D 74 -5.82 -27.38 33.93
N GLU D 75 -5.05 -28.13 33.15
CA GLU D 75 -3.77 -28.69 33.61
C GLU D 75 -2.66 -27.62 33.77
N ILE D 76 -2.66 -26.62 32.91
CA ILE D 76 -1.72 -25.49 32.98
C ILE D 76 -1.96 -24.63 34.24
N VAL D 77 -3.24 -24.41 34.57
CA VAL D 77 -3.63 -23.69 35.79
C VAL D 77 -3.14 -24.45 37.02
N ASP D 78 -3.35 -25.77 37.03
CA ASP D 78 -2.87 -26.64 38.10
C ASP D 78 -1.35 -26.66 38.22
N PHE D 79 -0.66 -26.63 37.08
CA PHE D 79 0.81 -26.53 37.06
C PHE D 79 1.31 -25.20 37.61
N ALA D 80 0.66 -24.11 37.23
CA ALA D 80 1.04 -22.75 37.65
C ALA D 80 0.87 -22.53 39.16
N LYS D 81 -0.15 -23.16 39.75
CA LYS D 81 -0.32 -23.16 41.22
C LYS D 81 0.88 -23.79 41.94
N GLN D 82 1.49 -24.80 41.33
CA GLN D 82 2.63 -25.49 41.95
C GLN D 82 4.00 -24.83 41.69
N VAL D 83 4.01 -23.64 41.10
CA VAL D 83 5.23 -22.83 40.94
C VAL D 83 5.33 -21.87 42.13
N PRO D 84 6.43 -21.94 42.92
CA PRO D 84 6.68 -21.01 44.03
C PRO D 84 6.60 -19.53 43.62
N GLY D 85 5.77 -18.79 44.35
CA GLY D 85 5.58 -17.36 44.10
C GLY D 85 4.31 -17.00 43.36
N PHE D 86 3.78 -17.94 42.56
CA PHE D 86 2.62 -17.66 41.71
C PHE D 86 1.34 -17.31 42.52
N LEU D 87 1.12 -18.02 43.62
CA LEU D 87 -0.10 -17.84 44.44
C LEU D 87 0.02 -16.67 45.41
N GLN D 88 1.24 -16.19 45.63
CA GLN D 88 1.49 -15.01 46.47
C GLN D 88 1.07 -13.72 45.77
N LEU D 89 0.96 -13.79 44.44
CA LEU D 89 0.52 -12.64 43.65
C LEU D 89 -0.98 -12.42 43.81
N GLY D 90 -1.44 -11.26 43.34
CA GLY D 90 -2.86 -10.95 43.29
C GLY D 90 -3.55 -11.88 42.32
N ARG D 91 -4.79 -12.23 42.63
CA ARG D 91 -5.63 -13.06 41.75
C ARG D 91 -5.72 -12.45 40.35
N GLU D 92 -5.97 -11.14 40.31
CA GLU D 92 -5.99 -10.40 39.04
C GLU D 92 -4.73 -10.62 38.21
N ASP D 93 -3.56 -10.59 38.86
CA ASP D 93 -2.28 -10.92 38.22
C ASP D 93 -2.11 -12.41 37.93
N GLN D 94 -2.63 -13.29 38.79
CA GLN D 94 -2.65 -14.73 38.49
C GLN D 94 -3.43 -15.03 37.22
N ILE D 95 -4.59 -14.38 37.07
CA ILE D 95 -5.42 -14.52 35.86
C ILE D 95 -4.69 -13.97 34.64
N ALA D 96 -4.20 -12.73 34.74
CA ALA D 96 -3.54 -12.05 33.61
C ALA D 96 -2.30 -12.77 33.09
N LEU D 97 -1.48 -13.28 34.01
CA LEU D 97 -0.30 -14.07 33.65
C LEU D 97 -0.68 -15.39 33.00
N LEU D 98 -1.78 -16.00 33.43
CA LEU D 98 -2.29 -17.21 32.79
C LEU D 98 -2.94 -16.93 31.44
N LYS D 99 -3.67 -15.83 31.36
CA LYS D 99 -4.37 -15.39 30.14
C LYS D 99 -3.45 -15.29 28.91
N ALA D 100 -2.28 -14.68 29.12
CA ALA D 100 -1.31 -14.46 28.04
C ALA D 100 -0.40 -15.65 27.79
N SER D 101 -0.07 -16.40 28.84
CA SER D 101 0.92 -17.48 28.74
C SER D 101 0.36 -18.82 28.27
N THR D 102 -0.91 -19.09 28.56
CA THR D 102 -1.52 -20.40 28.27
C THR D 102 -1.14 -20.93 26.88
N ILE D 103 -1.52 -20.20 25.82
CA ILE D 103 -1.20 -20.62 24.44
C ILE D 103 0.30 -20.83 24.22
N GLU D 104 1.11 -19.92 24.77
CA GLU D 104 2.56 -20.01 24.63
C GLU D 104 3.13 -21.26 25.31
N ILE D 105 2.56 -21.64 26.45
CA ILE D 105 2.92 -22.91 27.10
C ILE D 105 2.47 -24.11 26.27
N MET D 106 1.27 -24.04 25.69
CA MET D 106 0.76 -25.12 24.83
C MET D 106 1.64 -25.30 23.61
N LEU D 107 2.08 -24.19 23.01
CA LEU D 107 2.98 -24.21 21.85
C LEU D 107 4.38 -24.77 22.17
N LEU D 108 4.87 -24.57 23.38
CA LEU D 108 6.09 -25.24 23.82
C LEU D 108 5.92 -26.76 23.88
N GLU D 109 4.75 -27.22 24.31
CA GLU D 109 4.44 -28.65 24.39
C GLU D 109 4.21 -29.31 23.02
N THR D 110 3.60 -28.58 22.08
CA THR D 110 3.48 -29.08 20.70
C THR D 110 4.85 -29.19 20.03
N ALA D 111 5.78 -28.31 20.42
CA ALA D 111 7.17 -28.37 19.99
C ALA D 111 7.92 -29.56 20.61
N ARG D 112 7.63 -29.85 21.87
CA ARG D 112 8.33 -30.93 22.62
C ARG D 112 8.13 -32.32 22.00
N ARG D 113 6.89 -32.61 21.60
CA ARG D 113 6.55 -33.90 21.00
C ARG D 113 6.12 -33.77 19.54
N TYR D 114 6.72 -32.81 18.83
CA TYR D 114 6.60 -32.75 17.39
C TYR D 114 7.37 -33.92 16.80
N ASN D 115 6.70 -34.71 15.97
CA ASN D 115 7.28 -35.87 15.33
C ASN D 115 7.69 -35.48 13.91
N HIS D 116 9.00 -35.39 13.68
CA HIS D 116 9.55 -34.97 12.39
C HIS D 116 9.31 -35.99 11.25
N GLU D 117 9.10 -37.26 11.60
CA GLU D 117 8.85 -38.34 10.62
C GLU D 117 7.44 -38.24 10.03
N THR D 118 6.42 -38.27 10.89
CA THR D 118 5.03 -38.10 10.47
C THR D 118 4.70 -36.66 10.06
N GLU D 119 5.38 -35.70 10.69
CA GLU D 119 5.03 -34.27 10.62
C GLU D 119 3.64 -34.01 11.25
N CYS D 120 3.37 -34.72 12.34
CA CYS D 120 2.11 -34.59 13.09
C CYS D 120 2.38 -33.98 14.48
N ILE D 121 1.45 -33.12 14.93
CA ILE D 121 1.51 -32.51 16.26
C ILE D 121 0.72 -33.40 17.22
N THR D 122 1.25 -33.57 18.44
CA THR D 122 0.61 -34.38 19.49
C THR D 122 -0.01 -33.49 20.58
N PHE D 123 -1.29 -33.71 20.87
CA PHE D 123 -1.98 -33.11 22.03
C PHE D 123 -2.24 -34.18 23.08
N LEU D 124 -2.11 -33.82 24.37
CA LEU D 124 -2.25 -34.77 25.49
C LEU D 124 -1.41 -36.04 25.27
N LYS D 125 -1.76 -37.19 25.84
CA LYS D 125 -0.92 -38.40 25.72
C LYS D 125 -0.60 -38.78 24.27
N ASP D 126 -1.62 -38.84 23.43
CA ASP D 126 -1.47 -39.32 22.05
C ASP D 126 -2.68 -38.99 21.14
N PHE D 127 -2.91 -37.70 20.91
CA PHE D 127 -3.87 -37.22 19.91
C PHE D 127 -3.08 -36.54 18.79
N THR D 128 -2.74 -37.30 17.76
CA THR D 128 -1.84 -36.82 16.69
C THR D 128 -2.63 -36.22 15.52
N TYR D 129 -2.20 -35.05 15.02
CA TYR D 129 -2.87 -34.36 13.91
C TYR D 129 -1.87 -33.74 12.93
N SER D 130 -2.17 -33.89 11.63
CA SER D 130 -1.34 -33.33 10.56
C SER D 130 -1.80 -31.93 10.19
N LYS D 131 -0.98 -31.24 9.37
CA LYS D 131 -1.34 -29.92 8.83
C LYS D 131 -2.71 -29.89 8.18
N ASP D 132 -3.06 -30.97 7.48
CA ASP D 132 -4.35 -31.08 6.80
C ASP D 132 -5.50 -31.21 7.80
N ASP D 133 -5.29 -31.95 8.89
CA ASP D 133 -6.29 -32.06 9.96
C ASP D 133 -6.68 -30.70 10.55
N PHE D 134 -5.70 -29.80 10.69
CA PHE D 134 -5.97 -28.42 11.11
C PHE D 134 -6.71 -27.64 10.02
N HIS D 135 -6.22 -27.74 8.78
CA HIS D 135 -6.90 -27.14 7.62
C HIS D 135 -8.34 -27.65 7.45
N ARG D 136 -8.55 -28.93 7.77
CA ARG D 136 -9.87 -29.58 7.71
C ARG D 136 -10.86 -28.93 8.69
N ALA D 137 -10.36 -28.55 9.86
CA ALA D 137 -11.16 -27.91 10.92
C ALA D 137 -11.44 -26.41 10.70
N GLY D 138 -10.92 -25.84 9.60
CA GLY D 138 -11.15 -24.43 9.26
C GLY D 138 -10.01 -23.49 9.63
N LEU D 139 -8.91 -24.03 10.16
CA LEU D 139 -7.75 -23.22 10.53
C LEU D 139 -6.97 -22.85 9.27
N GLN D 140 -6.43 -21.64 9.28
CA GLN D 140 -5.80 -21.04 8.10
C GLN D 140 -4.29 -21.25 8.09
N VAL D 141 -3.71 -21.16 6.91
CA VAL D 141 -2.25 -21.33 6.71
C VAL D 141 -1.41 -20.27 7.44
N GLU D 142 -1.95 -19.06 7.58
CA GLU D 142 -1.26 -17.95 8.27
C GLU D 142 -0.95 -18.28 9.73
N PHE D 143 -1.77 -19.14 10.33
CA PHE D 143 -1.55 -19.69 11.66
C PHE D 143 -0.82 -21.03 11.59
N ILE D 144 -1.36 -21.97 10.81
CA ILE D 144 -0.89 -23.37 10.81
C ILE D 144 0.62 -23.51 10.53
N ASN D 145 1.09 -22.88 9.45
CA ASN D 145 2.48 -23.06 9.01
C ASN D 145 3.54 -22.59 10.03
N PRO D 146 3.36 -21.39 10.63
CA PRO D 146 4.22 -20.98 11.77
C PRO D 146 4.26 -21.92 12.98
N ILE D 147 3.12 -22.51 13.34
CA ILE D 147 3.03 -23.45 14.48
C ILE D 147 3.97 -24.62 14.26
N PHE D 148 3.85 -25.23 13.09
CA PHE D 148 4.68 -26.36 12.69
C PHE D 148 6.15 -25.99 12.50
N GLU D 149 6.41 -24.81 11.93
CA GLU D 149 7.78 -24.31 11.75
C GLU D 149 8.48 -24.10 13.08
N PHE D 150 7.76 -23.54 14.06
CA PHE D 150 8.26 -23.37 15.42
C PHE D 150 8.56 -24.71 16.10
N SER D 151 7.62 -25.64 15.97
CA SER D 151 7.74 -26.98 16.56
C SER D 151 8.90 -27.76 15.96
N ARG D 152 9.09 -27.62 14.65
CA ARG D 152 10.28 -28.14 13.97
C ARG D 152 11.56 -27.52 14.54
N ALA D 153 11.70 -26.21 14.39
CA ALA D 153 12.93 -25.48 14.75
C ALA D 153 13.46 -25.77 16.16
N MET D 154 12.55 -26.00 17.11
CA MET D 154 12.89 -26.35 18.50
C MET D 154 13.69 -27.65 18.65
N ARG D 155 13.49 -28.56 17.71
CA ARG D 155 14.21 -29.85 17.68
C ARG D 155 15.72 -29.69 17.50
N ARG D 156 16.12 -28.71 16.69
CA ARG D 156 17.54 -28.36 16.51
C ARG D 156 18.24 -27.93 17.81
N LEU D 157 17.49 -27.25 18.68
CA LEU D 157 17.98 -26.91 20.02
C LEU D 157 18.22 -28.17 20.86
N GLY D 158 17.26 -29.09 20.85
CA GLY D 158 17.38 -30.34 21.60
C GLY D 158 17.22 -30.15 23.09
N LEU D 159 16.10 -29.55 23.49
CA LEU D 159 15.82 -29.28 24.91
C LEU D 159 15.45 -30.55 25.68
N ASP D 160 15.78 -30.56 26.97
CA ASP D 160 15.41 -31.64 27.88
C ASP D 160 14.33 -31.17 28.87
N ASP D 161 13.85 -32.10 29.69
CA ASP D 161 12.78 -31.85 30.67
C ASP D 161 13.02 -30.60 31.54
N ALA D 162 14.20 -30.52 32.14
CA ALA D 162 14.56 -29.40 33.01
C ALA D 162 14.50 -28.03 32.34
N GLU D 163 14.92 -27.99 31.08
CA GLU D 163 14.95 -26.76 30.29
C GLU D 163 13.57 -26.33 29.77
N TYR D 164 12.72 -27.30 29.44
CA TYR D 164 11.32 -27.02 29.10
C TYR D 164 10.56 -26.46 30.30
N ALA D 165 10.75 -27.09 31.46
CA ALA D 165 10.08 -26.69 32.70
C ALA D 165 10.44 -25.27 33.13
N LEU D 166 11.74 -24.98 33.17
CA LEU D 166 12.24 -23.65 33.53
C LEU D 166 11.79 -22.57 32.56
N LEU D 167 11.74 -22.90 31.27
CA LEU D 167 11.21 -21.98 30.25
C LEU D 167 9.72 -21.65 30.47
N ILE D 168 8.94 -22.65 30.88
CA ILE D 168 7.51 -22.43 31.22
C ILE D 168 7.37 -21.48 32.43
N ALA D 169 8.20 -21.67 33.46
CA ALA D 169 8.17 -20.82 34.65
C ALA D 169 8.58 -19.39 34.31
N ILE D 170 9.64 -19.25 33.53
CA ILE D 170 10.08 -17.96 32.99
C ILE D 170 8.95 -17.30 32.21
N ASN D 171 8.33 -18.08 31.32
CA ASN D 171 7.23 -17.62 30.46
C ASN D 171 6.01 -17.14 31.28
N ILE D 172 5.70 -17.86 32.35
CA ILE D 172 4.62 -17.46 33.29
C ILE D 172 4.89 -16.10 33.93
N PHE D 173 6.11 -15.89 34.43
CA PHE D 173 6.46 -14.63 35.11
C PHE D 173 7.00 -13.56 34.17
N SER D 174 6.15 -13.12 33.24
CA SER D 174 6.48 -12.03 32.32
C SER D 174 5.85 -10.73 32.83
N ALA D 175 6.68 -9.83 33.36
CA ALA D 175 6.22 -8.52 33.86
C ALA D 175 5.39 -7.70 32.87
N ASP D 176 5.70 -7.84 31.58
CA ASP D 176 5.12 -7.00 30.53
C ASP D 176 3.78 -7.46 29.93
N ARG D 177 3.13 -8.48 30.51
CA ARG D 177 1.83 -8.96 30.01
C ARG D 177 0.77 -7.87 30.11
N PRO D 178 -0.32 -7.98 29.32
CA PRO D 178 -1.38 -6.96 29.40
C PRO D 178 -2.11 -6.92 30.76
N ASN D 179 -2.37 -5.71 31.25
CA ASN D 179 -3.17 -5.46 32.46
C ASN D 179 -2.56 -5.99 33.76
N VAL D 180 -1.24 -6.15 33.79
CA VAL D 180 -0.54 -6.57 35.01
C VAL D 180 -0.43 -5.37 35.93
N GLN D 181 -0.69 -5.61 37.21
CA GLN D 181 -0.78 -4.55 38.23
C GLN D 181 0.57 -4.34 38.93
N GLU D 182 1.22 -5.43 39.30
CA GLU D 182 2.56 -5.40 39.93
C GLU D 182 3.60 -6.03 38.98
N PRO D 183 4.09 -5.27 37.98
CA PRO D 183 5.09 -5.83 37.06
C PRO D 183 6.46 -6.13 37.71
N GLY D 184 6.93 -5.25 38.59
CA GLY D 184 8.21 -5.43 39.27
C GLY D 184 8.26 -6.67 40.17
N ARG D 185 7.13 -6.99 40.78
CA ARG D 185 7.01 -8.17 41.63
C ARG D 185 7.09 -9.45 40.79
N VAL D 186 6.46 -9.42 39.61
CA VAL D 186 6.51 -10.53 38.66
C VAL D 186 7.93 -10.70 38.10
N GLU D 187 8.58 -9.59 37.75
CA GLU D 187 9.97 -9.59 37.31
C GLU D 187 10.94 -10.12 38.39
N ALA D 188 10.67 -9.79 39.65
CA ALA D 188 11.47 -10.34 40.76
C ALA D 188 11.36 -11.86 40.86
N LEU D 189 10.15 -12.38 40.65
CA LEU D 189 9.91 -13.83 40.62
C LEU D 189 10.50 -14.54 39.41
N GLN D 190 10.70 -13.81 38.30
CA GLN D 190 11.27 -14.38 37.07
C GLN D 190 12.77 -14.67 37.19
N GLN D 191 13.52 -13.72 37.76
CA GLN D 191 15.00 -13.75 37.83
C GLN D 191 15.66 -15.07 38.30
N PRO D 192 15.18 -15.66 39.43
CA PRO D 192 15.73 -16.94 39.89
C PRO D 192 15.69 -18.08 38.86
N TYR D 193 14.59 -18.18 38.12
CA TYR D 193 14.41 -19.22 37.11
C TYR D 193 15.30 -19.00 35.87
N VAL D 194 15.54 -17.73 35.55
CA VAL D 194 16.47 -17.35 34.48
C VAL D 194 17.91 -17.66 34.91
N GLU D 195 18.24 -17.36 36.16
CA GLU D 195 19.57 -17.65 36.73
C GLU D 195 19.87 -19.16 36.75
N ALA D 196 18.87 -19.95 37.14
CA ALA D 196 19.01 -21.41 37.19
C ALA D 196 19.17 -22.03 35.79
N LEU D 197 18.44 -21.50 34.83
CA LEU D 197 18.56 -21.93 33.42
C LEU D 197 19.92 -21.59 32.84
N LEU D 198 20.46 -20.42 33.22
CA LEU D 198 21.82 -20.03 32.87
C LEU D 198 22.88 -20.94 33.50
N SER D 199 22.65 -21.34 34.75
CA SER D 199 23.55 -22.27 35.44
C SER D 199 23.49 -23.67 34.82
N TYR D 200 22.27 -24.21 34.73
CA TYR D 200 22.03 -25.53 34.14
C TYR D 200 22.65 -25.70 32.75
N THR D 201 22.59 -24.65 31.92
CA THR D 201 23.18 -24.65 30.57
C THR D 201 24.72 -24.73 30.60
N ARG D 202 25.33 -23.89 31.44
CA ARG D 202 26.79 -23.92 31.67
C ARG D 202 27.30 -25.28 32.13
N ILE D 203 26.61 -25.87 33.09
CA ILE D 203 26.98 -27.16 33.67
C ILE D 203 26.83 -28.30 32.68
N LYS D 204 25.64 -28.45 32.10
CA LYS D 204 25.35 -29.53 31.16
C LYS D 204 26.26 -29.47 29.93
N ARG D 205 26.20 -28.34 29.23
CA ARG D 205 26.92 -28.15 27.97
C ARG D 205 27.75 -26.86 28.06
N PRO D 206 28.92 -26.94 28.74
CA PRO D 206 29.78 -25.76 28.88
C PRO D 206 30.38 -25.32 27.55
N GLN D 207 30.57 -26.27 26.64
CA GLN D 207 31.10 -26.02 25.31
C GLN D 207 30.14 -25.17 24.46
N ASP D 208 28.85 -25.54 24.47
CA ASP D 208 27.85 -24.82 23.68
C ASP D 208 27.35 -23.57 24.43
N GLN D 209 28.02 -22.45 24.18
CA GLN D 209 27.70 -21.17 24.82
C GLN D 209 26.40 -20.54 24.32
N LEU D 210 26.05 -20.79 23.06
CA LEU D 210 24.90 -20.13 22.41
C LEU D 210 23.52 -20.70 22.73
N ARG D 211 23.45 -21.83 23.44
CA ARG D 211 22.15 -22.46 23.77
C ARG D 211 21.24 -21.57 24.59
N PHE D 212 21.79 -20.97 25.64
CA PHE D 212 21.00 -20.16 26.58
C PHE D 212 20.31 -18.94 25.92
N PRO D 213 21.06 -18.10 25.18
CA PRO D 213 20.40 -17.02 24.44
C PRO D 213 19.34 -17.50 23.43
N ARG D 214 19.65 -18.57 22.70
CA ARG D 214 18.72 -19.13 21.71
C ARG D 214 17.42 -19.62 22.34
N MET D 215 17.51 -20.21 23.55
CA MET D 215 16.32 -20.61 24.31
C MET D 215 15.47 -19.42 24.72
N LEU D 216 16.10 -18.37 25.24
CA LEU D 216 15.39 -17.14 25.59
C LEU D 216 14.75 -16.47 24.38
N MET D 217 15.40 -16.55 23.23
CA MET D 217 14.86 -15.98 21.98
C MET D 217 13.68 -16.79 21.38
N LYS D 218 13.43 -18.00 21.88
CA LYS D 218 12.19 -18.72 21.57
C LYS D 218 10.96 -18.12 22.26
N LEU D 219 11.18 -17.41 23.37
CA LEU D 219 10.12 -16.60 23.99
C LEU D 219 9.74 -15.42 23.10
N VAL D 220 10.71 -14.91 22.33
CA VAL D 220 10.45 -13.88 21.32
C VAL D 220 9.52 -14.46 20.24
N SER D 221 9.84 -15.65 19.74
CA SER D 221 9.03 -16.35 18.75
C SER D 221 7.61 -16.62 19.25
N LEU D 222 7.48 -17.00 20.52
CA LEU D 222 6.18 -17.30 21.13
C LEU D 222 5.23 -16.10 21.21
N ARG D 223 5.75 -14.87 21.21
CA ARG D 223 4.90 -13.68 21.22
C ARG D 223 4.13 -13.43 19.94
N THR D 224 4.78 -13.60 18.79
CA THR D 224 4.09 -13.45 17.51
C THR D 224 3.14 -14.61 17.25
N LEU D 225 3.54 -15.81 17.64
CA LEU D 225 2.65 -16.99 17.55
C LEU D 225 1.37 -16.80 18.35
N SER D 226 1.49 -16.19 19.53
CA SER D 226 0.35 -15.82 20.36
C SER D 226 -0.53 -14.77 19.69
N SER D 227 0.10 -13.82 19.00
CA SER D 227 -0.61 -12.78 18.25
C SER D 227 -1.26 -13.35 16.98
N VAL D 228 -0.55 -14.22 16.28
CA VAL D 228 -1.10 -14.92 15.11
C VAL D 228 -2.30 -15.80 15.51
N HIS D 229 -2.17 -16.49 16.64
CA HIS D 229 -3.26 -17.27 17.23
C HIS D 229 -4.49 -16.43 17.58
N SER D 230 -4.26 -15.20 18.06
CA SER D 230 -5.34 -14.24 18.33
C SER D 230 -6.14 -13.95 17.06
N GLU D 231 -5.43 -13.75 15.95
CA GLU D 231 -6.06 -13.51 14.64
C GLU D 231 -6.78 -14.74 14.09
N GLN D 232 -6.23 -15.93 14.36
CA GLN D 232 -6.90 -17.18 14.00
C GLN D 232 -8.25 -17.30 14.71
N VAL D 233 -8.23 -17.11 16.03
CA VAL D 233 -9.44 -17.11 16.87
C VAL D 233 -10.52 -16.18 16.30
N PHE D 234 -10.14 -14.95 15.97
CA PHE D 234 -11.04 -13.97 15.35
C PHE D 234 -11.60 -14.46 14.01
N ALA D 235 -10.73 -15.02 13.17
CA ALA D 235 -11.13 -15.54 11.85
C ALA D 235 -12.10 -16.71 11.91
N LEU D 236 -12.00 -17.53 12.97
CA LEU D 236 -12.96 -18.61 13.21
C LEU D 236 -14.35 -18.09 13.62
N ARG D 237 -14.41 -16.89 14.21
CA ARG D 237 -15.69 -16.20 14.45
C ARG D 237 -16.41 -15.83 13.16
N LEU D 238 -15.64 -15.48 12.11
CA LEU D 238 -16.19 -15.19 10.78
C LEU D 238 -16.88 -16.38 10.12
N GLN D 239 -16.43 -17.60 10.44
CA GLN D 239 -17.01 -18.85 9.92
C GLN D 239 -18.13 -19.44 10.81
N ASP D 240 -18.64 -18.66 11.77
CA ASP D 240 -19.67 -19.12 12.71
C ASP D 240 -19.18 -20.27 13.61
N LYS D 241 -17.98 -20.08 14.18
CA LYS D 241 -17.40 -21.02 15.14
C LYS D 241 -16.99 -20.27 16.41
N LYS D 242 -17.97 -20.04 17.28
CA LYS D 242 -17.75 -19.37 18.55
C LYS D 242 -16.96 -20.27 19.50
N LEU D 243 -16.23 -19.64 20.42
CA LEU D 243 -15.29 -20.33 21.30
C LEU D 243 -15.99 -20.63 22.63
N PRO D 244 -15.73 -21.82 23.23
CA PRO D 244 -16.39 -22.18 24.51
C PRO D 244 -16.10 -21.24 25.69
N PRO D 245 -16.89 -21.32 26.78
CA PRO D 245 -16.79 -20.41 27.93
C PRO D 245 -15.37 -20.19 28.50
N LEU D 246 -14.67 -21.28 28.83
CA LEU D 246 -13.32 -21.19 29.41
C LEU D 246 -12.31 -20.59 28.45
N LEU D 247 -12.28 -21.11 27.23
CA LEU D 247 -11.36 -20.65 26.19
C LEU D 247 -11.66 -19.22 25.75
N SER D 248 -12.94 -18.85 25.72
CA SER D 248 -13.34 -17.48 25.38
C SER D 248 -12.85 -16.46 26.39
N GLU D 249 -12.97 -16.79 27.68
CA GLU D 249 -12.48 -15.93 28.76
C GLU D 249 -10.98 -15.62 28.68
N ILE D 250 -10.20 -16.54 28.12
CA ILE D 250 -8.76 -16.34 27.92
C ILE D 250 -8.37 -15.81 26.52
N TRP D 251 -9.13 -16.12 25.47
CA TRP D 251 -8.75 -15.77 24.07
C TRP D 251 -9.63 -14.80 23.27
N ASP D 252 -10.94 -14.71 23.57
CA ASP D 252 -11.82 -13.77 22.88
C ASP D 252 -11.63 -12.33 23.37
N VAL D 253 -12.17 -11.38 22.59
CA VAL D 253 -12.17 -9.95 22.92
C VAL D 253 -10.77 -9.36 23.00
N HIS D 262 -14.20 -13.20 34.36
CA HIS D 262 -13.56 -14.50 34.18
C HIS D 262 -14.11 -15.50 35.19
N LYS D 263 -15.40 -15.79 35.07
CA LYS D 263 -16.14 -16.62 36.04
C LYS D 263 -15.53 -18.01 36.24
N ILE D 264 -15.16 -18.66 35.14
CA ILE D 264 -14.54 -19.98 35.19
C ILE D 264 -13.15 -19.86 35.87
N LEU D 265 -12.18 -19.23 35.20
CA LEU D 265 -10.78 -19.13 35.71
C LEU D 265 -10.60 -18.83 37.21
N HIS D 266 -11.43 -17.93 37.75
CA HIS D 266 -11.46 -17.65 39.20
C HIS D 266 -11.67 -18.93 40.01
N ARG D 267 -12.65 -19.73 39.61
CA ARG D 267 -13.03 -20.98 40.32
C ARG D 267 -12.02 -22.13 40.22
N LEU D 268 -11.10 -22.08 39.26
CA LEU D 268 -10.09 -23.13 39.07
C LEU D 268 -8.85 -22.79 39.90
N LEU D 269 -8.52 -21.50 39.92
CA LEU D 269 -7.53 -20.95 40.86
C LEU D 269 -7.93 -21.13 42.33
N GLN D 270 -9.24 -21.11 42.60
CA GLN D 270 -9.78 -21.19 43.96
C GLN D 270 -9.44 -22.50 44.67
N ASP D 271 -9.76 -23.63 44.03
CA ASP D 271 -9.54 -24.95 44.61
C ASP D 271 -9.58 -26.06 43.56
C2 BQ3 E . 11.60 16.65 -16.79
C4 BQ3 E . 12.60 17.35 -15.87
C6 BQ3 E . 9.85 17.56 -18.28
C1 BQ3 E . 10.71 15.70 -16.01
C3 BQ3 E . 12.31 15.95 -17.93
O5 BQ3 E . 10.78 17.78 -17.34
O7 BQ3 E . 9.14 16.58 -18.35
N8 BQ3 E . 9.79 18.60 -19.14
C9 BQ3 E . 8.86 18.60 -20.28
C10 BQ3 E . 7.78 19.63 -20.03
C11 BQ3 E . 8.40 20.97 -19.73
C12 BQ3 E . 7.65 22.14 -19.88
C13 BQ3 E . 8.19 23.38 -19.64
C14 BQ3 E . 9.53 23.50 -19.26
N15 BQ3 E . 10.10 24.74 -19.05
C16 BQ3 E . 10.28 22.34 -19.10
C17 BQ3 E . 9.74 21.08 -19.32
C18 BQ3 E . 10.60 19.84 -19.11
C2 BQ3 F . -8.85 -23.48 18.13
C4 BQ3 F . -9.60 -24.75 17.76
C6 BQ3 F . -6.59 -23.49 19.09
C1 BQ3 F . -9.70 -22.53 18.94
C3 BQ3 F . -8.28 -22.79 16.88
O5 BQ3 F . -7.83 -23.96 19.11
O7 BQ3 F . -6.28 -22.33 19.15
N8 BQ3 F . -5.69 -24.50 19.06
C9 BQ3 F . -4.25 -24.29 18.85
C10 BQ3 F . -3.50 -24.60 20.14
C11 BQ3 F . -4.02 -25.86 20.80
C12 BQ3 F . -3.35 -26.38 21.91
C13 BQ3 F . -3.80 -27.53 22.54
C14 BQ3 F . -4.92 -28.21 22.07
N15 BQ3 F . -5.34 -29.36 22.67
C16 BQ3 F . -5.59 -27.68 20.96
C17 BQ3 F . -5.17 -26.52 20.33
C18 BQ3 F . -5.96 -25.94 19.18
#